data_2K1P
#
_entry.id   2K1P
#
loop_
_entity.id
_entity.type
_entity.pdbx_description
1 polymer 'Zinc finger Ran-binding domain-containing protein 2'
2 non-polymer 'ZINC ION'
#
_entity_poly.entity_id   1
_entity_poly.type   'polypeptide(L)'
_entity_poly.pdbx_seq_one_letter_code
;GSSANDWQCKTCSNVNWARRSECNMCNTPKYAK
;
_entity_poly.pdbx_strand_id   A
#
loop_
_chem_comp.id
_chem_comp.type
_chem_comp.name
_chem_comp.formula
ZN non-polymer 'ZINC ION' 'Zn 2'
#
# COMPACT_ATOMS: atom_id res chain seq x y z
N GLY A 1 2.04 5.95 -5.89
CA GLY A 1 2.53 4.57 -5.69
C GLY A 1 3.53 4.15 -6.75
N SER A 2 4.36 5.09 -7.18
CA SER A 2 5.44 4.79 -8.12
C SER A 2 6.77 5.29 -7.56
N SER A 3 6.70 5.95 -6.42
CA SER A 3 7.88 6.40 -5.71
C SER A 3 8.17 5.49 -4.54
N ALA A 4 9.44 5.31 -4.21
CA ALA A 4 9.83 4.46 -3.10
C ALA A 4 9.57 5.15 -1.76
N ASN A 5 8.30 5.44 -1.51
CA ASN A 5 7.84 6.00 -0.24
C ASN A 5 6.37 5.71 -0.09
N ASP A 6 5.55 6.36 -0.92
CA ASP A 6 4.13 6.09 -0.94
C ASP A 6 3.86 4.87 -1.81
N TRP A 7 3.18 3.90 -1.25
CA TRP A 7 2.89 2.68 -1.99
C TRP A 7 1.39 2.53 -2.18
N GLN A 8 1.02 1.65 -3.08
CA GLN A 8 -0.37 1.45 -3.42
C GLN A 8 -0.70 -0.03 -3.36
N CYS A 9 -1.82 -0.34 -2.75
CA CYS A 9 -2.27 -1.71 -2.59
C CYS A 9 -2.46 -2.38 -3.94
N LYS A 10 -2.14 -3.64 -3.99
CA LYS A 10 -2.25 -4.40 -5.22
C LYS A 10 -3.66 -4.95 -5.37
N THR A 11 -4.39 -4.96 -4.27
CA THR A 11 -5.73 -5.51 -4.26
C THR A 11 -6.78 -4.44 -4.57
N CYS A 12 -6.90 -3.43 -3.71
CA CYS A 12 -7.92 -2.40 -3.90
C CYS A 12 -7.41 -1.29 -4.81
N SER A 13 -6.08 -1.28 -5.01
CA SER A 13 -5.43 -0.25 -5.83
C SER A 13 -5.57 1.12 -5.17
N ASN A 14 -5.84 1.13 -3.89
CA ASN A 14 -5.92 2.36 -3.12
C ASN A 14 -4.62 2.55 -2.34
N VAL A 15 -4.06 3.74 -2.38
CA VAL A 15 -2.83 4.03 -1.65
C VAL A 15 -3.17 4.29 -0.19
N ASN A 16 -2.51 3.54 0.69
CA ASN A 16 -2.75 3.65 2.12
C ASN A 16 -2.02 4.87 2.68
N TRP A 17 -1.13 4.65 3.63
CA TRP A 17 -0.29 5.71 4.13
C TRP A 17 0.99 5.76 3.30
N ALA A 18 1.72 6.85 3.39
CA ALA A 18 2.95 7.02 2.60
C ALA A 18 4.08 6.17 3.15
N ARG A 19 3.73 5.13 3.91
CA ARG A 19 4.68 4.18 4.47
C ARG A 19 3.97 3.15 5.34
N ARG A 20 2.71 2.87 5.03
CA ARG A 20 1.94 1.88 5.80
C ARG A 20 2.57 0.50 5.66
N SER A 21 2.35 -0.35 6.65
CA SER A 21 2.91 -1.70 6.62
C SER A 21 2.00 -2.66 5.86
N GLU A 22 0.71 -2.35 5.85
CA GLU A 22 -0.27 -3.20 5.18
C GLU A 22 -1.52 -2.39 4.84
N CYS A 23 -2.40 -2.96 4.02
CA CYS A 23 -3.65 -2.31 3.67
C CYS A 23 -4.66 -2.42 4.81
N ASN A 24 -5.42 -1.36 5.02
CA ASN A 24 -6.48 -1.38 6.02
C ASN A 24 -7.79 -1.88 5.41
N MET A 25 -7.80 -2.07 4.10
CA MET A 25 -9.00 -2.51 3.40
C MET A 25 -8.91 -3.99 3.03
N CYS A 26 -7.78 -4.40 2.50
CA CYS A 26 -7.60 -5.79 2.08
C CYS A 26 -6.72 -6.56 3.06
N ASN A 27 -6.03 -5.81 3.94
CA ASN A 27 -5.10 -6.40 4.90
C ASN A 27 -3.89 -7.00 4.18
N THR A 28 -3.64 -6.51 2.98
CA THR A 28 -2.49 -6.93 2.19
C THR A 28 -1.20 -6.35 2.75
N PRO A 29 -0.19 -7.17 3.00
CA PRO A 29 1.14 -6.68 3.39
C PRO A 29 1.70 -5.79 2.30
N LYS A 30 2.47 -4.78 2.70
CA LYS A 30 3.05 -3.79 1.80
C LYS A 30 3.46 -4.40 0.46
N TYR A 31 4.38 -5.35 0.52
CA TYR A 31 4.83 -6.03 -0.69
C TYR A 31 4.97 -7.52 -0.40
N ALA A 32 3.86 -8.24 -0.56
CA ALA A 32 3.82 -9.67 -0.29
C ALA A 32 4.14 -10.47 -1.53
N LYS A 33 4.95 -9.90 -2.40
CA LYS A 33 5.37 -10.55 -3.63
C LYS A 33 6.84 -10.25 -3.87
ZN ZN B . -6.17 -2.83 -0.33
N GLY A 1 8.08 10.39 -11.79
CA GLY A 1 8.90 9.82 -10.69
C GLY A 1 8.05 9.35 -9.53
N SER A 2 7.82 8.04 -9.44
CA SER A 2 7.06 7.47 -8.35
C SER A 2 7.86 7.53 -7.06
N SER A 3 7.16 7.58 -5.94
CA SER A 3 7.82 7.60 -4.64
C SER A 3 7.85 6.20 -4.04
N ALA A 4 8.82 5.96 -3.16
CA ALA A 4 8.92 4.71 -2.46
C ALA A 4 8.36 4.87 -1.04
N ASN A 5 7.95 6.08 -0.73
CA ASN A 5 7.34 6.40 0.56
C ASN A 5 5.89 5.98 0.57
N ASP A 6 5.07 6.66 -0.21
CA ASP A 6 3.67 6.26 -0.37
C ASP A 6 3.57 5.15 -1.41
N TRP A 7 2.79 4.14 -1.09
CA TRP A 7 2.70 2.96 -1.93
C TRP A 7 1.25 2.60 -2.20
N GLN A 8 1.04 1.70 -3.15
CA GLN A 8 -0.30 1.34 -3.58
C GLN A 8 -0.52 -0.15 -3.42
N CYS A 9 -1.66 -0.51 -2.87
CA CYS A 9 -2.00 -1.89 -2.63
C CYS A 9 -2.43 -2.58 -3.92
N LYS A 10 -2.34 -3.89 -3.95
CA LYS A 10 -2.56 -4.64 -5.17
C LYS A 10 -3.97 -5.22 -5.22
N THR A 11 -4.71 -5.06 -4.13
CA THR A 11 -6.06 -5.61 -4.07
C THR A 11 -7.12 -4.55 -4.34
N CYS A 12 -7.04 -3.43 -3.63
CA CYS A 12 -8.03 -2.38 -3.77
C CYS A 12 -7.57 -1.33 -4.77
N SER A 13 -6.31 -1.44 -5.16
CA SER A 13 -5.67 -0.48 -6.06
C SER A 13 -5.70 0.94 -5.47
N ASN A 14 -5.85 1.01 -4.15
CA ASN A 14 -5.81 2.27 -3.45
C ASN A 14 -4.43 2.47 -2.83
N VAL A 15 -3.92 3.68 -2.90
CA VAL A 15 -2.65 4.00 -2.29
C VAL A 15 -2.85 4.23 -0.79
N ASN A 16 -2.18 3.42 0.01
CA ASN A 16 -2.37 3.43 1.46
C ASN A 16 -1.60 4.58 2.09
N TRP A 17 -1.43 4.51 3.41
CA TRP A 17 -0.63 5.51 4.11
C TRP A 17 0.78 5.50 3.55
N ALA A 18 1.42 6.66 3.54
CA ALA A 18 2.72 6.82 2.90
C ALA A 18 3.84 6.16 3.69
N ARG A 19 3.66 4.86 3.96
CA ARG A 19 4.67 4.02 4.60
C ARG A 19 4.06 2.75 5.18
N ARG A 20 2.73 2.68 5.23
CA ARG A 20 2.00 1.59 5.91
C ARG A 20 2.63 0.22 5.69
N SER A 21 2.61 -0.61 6.72
CA SER A 21 3.16 -1.96 6.66
C SER A 21 2.25 -2.88 5.86
N GLU A 22 0.97 -2.55 5.83
CA GLU A 22 -0.03 -3.37 5.16
C GLU A 22 -1.25 -2.51 4.81
N CYS A 23 -2.12 -3.01 3.93
CA CYS A 23 -3.30 -2.26 3.51
C CYS A 23 -4.26 -2.04 4.68
N ASN A 24 -4.93 -0.90 4.66
CA ASN A 24 -5.97 -0.59 5.64
C ASN A 24 -7.29 -1.27 5.27
N MET A 25 -7.45 -1.58 3.99
CA MET A 25 -8.71 -2.11 3.50
C MET A 25 -8.65 -3.62 3.34
N CYS A 26 -7.67 -4.09 2.57
CA CYS A 26 -7.53 -5.51 2.28
C CYS A 26 -6.65 -6.19 3.33
N ASN A 27 -5.85 -5.38 4.00
CA ASN A 27 -4.88 -5.87 4.98
C ASN A 27 -3.79 -6.68 4.28
N THR A 28 -3.59 -6.41 3.00
CA THR A 28 -2.49 -6.99 2.24
C THR A 28 -1.17 -6.45 2.77
N PRO A 29 -0.25 -7.33 3.18
CA PRO A 29 1.07 -6.91 3.61
C PRO A 29 1.79 -6.16 2.49
N LYS A 30 2.46 -5.07 2.85
CA LYS A 30 3.03 -4.07 1.92
C LYS A 30 3.17 -4.57 0.49
N TYR A 31 4.21 -5.34 0.22
CA TYR A 31 4.44 -5.84 -1.12
C TYR A 31 4.86 -7.30 -1.09
N ALA A 32 3.93 -8.16 -0.72
CA ALA A 32 4.15 -9.60 -0.77
C ALA A 32 3.90 -10.11 -2.18
N LYS A 33 4.98 -10.34 -2.92
CA LYS A 33 4.87 -10.81 -4.29
C LYS A 33 4.80 -12.32 -4.31
ZN ZN B . -5.94 -2.81 -0.39
N GLY A 1 8.84 6.74 -10.39
CA GLY A 1 7.46 7.15 -10.05
C GLY A 1 7.41 8.04 -8.83
N SER A 2 6.24 8.55 -8.52
CA SER A 2 6.05 9.43 -7.36
C SER A 2 6.19 8.64 -6.06
N SER A 3 5.74 7.40 -6.10
CA SER A 3 5.75 6.52 -4.93
C SER A 3 7.18 6.23 -4.46
N ALA A 4 7.57 6.87 -3.37
CA ALA A 4 8.87 6.62 -2.76
C ALA A 4 8.70 5.69 -1.57
N ASN A 5 8.03 6.19 -0.55
CA ASN A 5 7.67 5.37 0.60
C ASN A 5 6.17 5.10 0.55
N ASP A 6 5.46 6.03 -0.09
CA ASP A 6 4.05 5.87 -0.37
C ASP A 6 3.86 4.76 -1.38
N TRP A 7 2.82 3.98 -1.21
CA TRP A 7 2.60 2.84 -2.06
C TRP A 7 1.12 2.67 -2.36
N GLN A 8 0.81 1.66 -3.16
CA GLN A 8 -0.55 1.41 -3.61
C GLN A 8 -0.85 -0.07 -3.55
N CYS A 9 -2.00 -0.41 -3.00
CA CYS A 9 -2.39 -1.78 -2.83
C CYS A 9 -2.51 -2.48 -4.17
N LYS A 10 -2.27 -3.75 -4.14
CA LYS A 10 -2.29 -4.57 -5.33
C LYS A 10 -3.61 -5.32 -5.42
N THR A 11 -4.40 -5.22 -4.36
CA THR A 11 -5.71 -5.83 -4.30
C THR A 11 -6.78 -4.75 -4.40
N CYS A 12 -6.65 -3.72 -3.57
CA CYS A 12 -7.59 -2.62 -3.55
C CYS A 12 -7.29 -1.63 -4.66
N SER A 13 -6.02 -1.58 -5.06
CA SER A 13 -5.52 -0.58 -6.00
C SER A 13 -5.61 0.81 -5.38
N ASN A 14 -5.68 0.85 -4.06
CA ASN A 14 -5.84 2.11 -3.33
C ASN A 14 -4.49 2.55 -2.76
N VAL A 15 -4.31 3.85 -2.61
CA VAL A 15 -3.11 4.38 -2.00
C VAL A 15 -3.32 4.51 -0.50
N ASN A 16 -2.60 3.68 0.25
CA ASN A 16 -2.69 3.67 1.71
C ASN A 16 -1.89 4.82 2.29
N TRP A 17 -1.51 4.70 3.56
CA TRP A 17 -0.61 5.65 4.16
C TRP A 17 0.71 5.62 3.40
N ALA A 18 1.47 6.70 3.49
CA ALA A 18 2.71 6.83 2.76
C ALA A 18 3.82 5.96 3.36
N ARG A 19 3.43 4.83 3.99
CA ARG A 19 4.39 3.91 4.57
C ARG A 19 3.71 2.76 5.33
N ARG A 20 2.42 2.55 5.09
CA ARG A 20 1.69 1.50 5.81
C ARG A 20 2.36 0.15 5.61
N SER A 21 2.59 -0.57 6.70
CA SER A 21 3.22 -1.89 6.64
C SER A 21 2.35 -2.85 5.84
N GLU A 22 1.06 -2.75 6.04
CA GLU A 22 0.08 -3.51 5.27
C GLU A 22 -1.11 -2.61 4.94
N CYS A 23 -2.03 -3.12 4.14
CA CYS A 23 -3.21 -2.36 3.76
C CYS A 23 -4.12 -2.10 4.94
N ASN A 24 -4.76 -0.94 4.92
CA ASN A 24 -5.78 -0.61 5.89
C ASN A 24 -7.15 -0.93 5.31
N MET A 25 -7.16 -1.32 4.04
CA MET A 25 -8.40 -1.56 3.32
C MET A 25 -8.73 -3.04 3.22
N CYS A 26 -7.76 -3.87 2.86
CA CYS A 26 -8.01 -5.30 2.78
C CYS A 26 -7.29 -6.03 3.91
N ASN A 27 -5.95 -5.95 3.86
CA ASN A 27 -5.04 -6.58 4.83
C ASN A 27 -3.72 -6.95 4.16
N THR A 28 -3.70 -6.87 2.82
CA THR A 28 -2.50 -7.20 2.05
C THR A 28 -1.33 -6.31 2.45
N PRO A 29 -0.20 -6.92 2.86
CA PRO A 29 1.01 -6.18 3.25
C PRO A 29 1.59 -5.34 2.10
N LYS A 30 2.48 -4.42 2.45
CA LYS A 30 3.10 -3.48 1.50
C LYS A 30 3.46 -4.15 0.17
N TYR A 31 4.36 -5.11 0.22
CA TYR A 31 4.78 -5.81 -0.99
C TYR A 31 4.98 -7.29 -0.68
N ALA A 32 4.29 -8.14 -1.44
CA ALA A 32 4.37 -9.58 -1.23
C ALA A 32 5.70 -10.12 -1.70
N LYS A 33 6.38 -10.84 -0.82
CA LYS A 33 7.69 -11.40 -1.12
C LYS A 33 7.85 -12.75 -0.44
ZN ZN B . -5.72 -3.54 -0.01
N GLY A 1 10.91 9.83 -7.47
CA GLY A 1 9.58 10.50 -7.37
C GLY A 1 9.30 10.97 -5.95
N SER A 2 8.36 11.90 -5.82
CA SER A 2 8.02 12.44 -4.51
C SER A 2 7.22 11.43 -3.69
N SER A 3 6.37 10.68 -4.37
CA SER A 3 5.54 9.67 -3.73
C SER A 3 6.04 8.28 -4.07
N ALA A 4 7.33 8.06 -3.88
CA ALA A 4 7.95 6.77 -4.18
C ALA A 4 7.79 5.80 -3.03
N ASN A 5 7.74 6.34 -1.81
CA ASN A 5 7.56 5.52 -0.62
C ASN A 5 6.11 5.19 -0.44
N ASP A 6 5.25 6.19 -0.69
CA ASP A 6 3.81 6.03 -0.60
C ASP A 6 3.34 4.96 -1.58
N TRP A 7 3.15 3.77 -1.06
CA TRP A 7 2.82 2.63 -1.90
C TRP A 7 1.32 2.53 -2.13
N GLN A 8 0.96 1.68 -3.07
CA GLN A 8 -0.42 1.52 -3.47
C GLN A 8 -0.77 0.04 -3.43
N CYS A 9 -1.90 -0.26 -2.82
CA CYS A 9 -2.36 -1.63 -2.68
C CYS A 9 -2.52 -2.31 -4.04
N LYS A 10 -2.26 -3.60 -4.07
CA LYS A 10 -2.40 -4.37 -5.28
C LYS A 10 -3.74 -5.08 -5.30
N THR A 11 -4.54 -4.84 -4.26
CA THR A 11 -5.86 -5.45 -4.17
C THR A 11 -6.96 -4.42 -4.45
N CYS A 12 -6.98 -3.33 -3.69
CA CYS A 12 -8.01 -2.31 -3.87
C CYS A 12 -7.49 -1.18 -4.76
N SER A 13 -6.20 -1.25 -5.08
CA SER A 13 -5.54 -0.25 -5.91
C SER A 13 -5.60 1.13 -5.24
N ASN A 14 -5.74 1.12 -3.93
CA ASN A 14 -5.79 2.34 -3.15
C ASN A 14 -4.43 2.61 -2.51
N VAL A 15 -3.91 3.81 -2.71
CA VAL A 15 -2.64 4.18 -2.13
C VAL A 15 -2.84 4.55 -0.67
N ASN A 16 -2.19 3.81 0.20
CA ASN A 16 -2.37 3.95 1.64
C ASN A 16 -1.55 5.12 2.18
N TRP A 17 -0.85 4.89 3.30
CA TRP A 17 0.00 5.91 3.85
C TRP A 17 1.37 5.79 3.21
N ALA A 18 2.19 6.83 3.35
CA ALA A 18 3.53 6.85 2.79
C ALA A 18 4.32 5.61 3.18
N ARG A 19 3.94 4.97 4.26
CA ARG A 19 4.63 3.79 4.72
C ARG A 19 3.74 2.93 5.61
N ARG A 20 2.53 2.65 5.13
CA ARG A 20 1.66 1.73 5.87
C ARG A 20 2.24 0.33 5.81
N SER A 21 2.13 -0.40 6.89
CA SER A 21 2.67 -1.76 6.97
C SER A 21 1.84 -2.71 6.10
N GLU A 22 0.55 -2.43 6.00
CA GLU A 22 -0.37 -3.23 5.20
C GLU A 22 -1.61 -2.40 4.87
N CYS A 23 -2.45 -2.92 3.98
CA CYS A 23 -3.73 -2.30 3.68
C CYS A 23 -4.70 -2.53 4.83
N ASN A 24 -5.50 -1.52 5.13
CA ASN A 24 -6.50 -1.64 6.19
C ASN A 24 -7.79 -2.21 5.62
N MET A 25 -7.85 -2.34 4.30
CA MET A 25 -9.03 -2.88 3.64
C MET A 25 -8.80 -4.35 3.29
N CYS A 26 -7.80 -4.60 2.46
CA CYS A 26 -7.52 -5.94 1.99
C CYS A 26 -6.56 -6.66 2.91
N ASN A 27 -5.93 -5.90 3.80
CA ASN A 27 -4.96 -6.42 4.76
C ASN A 27 -3.70 -6.91 4.06
N THR A 28 -3.48 -6.42 2.86
CA THR A 28 -2.30 -6.76 2.09
C THR A 28 -1.06 -6.09 2.67
N PRO A 29 -0.09 -6.87 3.19
CA PRO A 29 1.16 -6.33 3.69
C PRO A 29 1.92 -5.64 2.56
N LYS A 30 2.58 -4.52 2.92
CA LYS A 30 3.24 -3.60 1.97
C LYS A 30 3.51 -4.22 0.60
N TYR A 31 4.39 -5.21 0.56
CA TYR A 31 4.68 -5.90 -0.68
C TYR A 31 4.98 -7.37 -0.41
N ALA A 32 4.28 -7.92 0.57
CA ALA A 32 4.42 -9.32 0.93
C ALA A 32 3.38 -10.16 0.18
N LYS A 33 3.67 -10.45 -1.07
CA LYS A 33 2.76 -11.17 -1.92
C LYS A 33 3.48 -12.33 -2.58
ZN ZN B . -6.24 -2.75 -0.32
N GLY A 1 8.27 6.77 -8.65
CA GLY A 1 7.54 7.13 -9.90
C GLY A 1 6.32 7.98 -9.60
N SER A 2 5.14 7.40 -9.79
CA SER A 2 3.89 8.09 -9.47
C SER A 2 3.80 8.37 -7.98
N SER A 3 4.44 7.50 -7.20
CA SER A 3 4.57 7.69 -5.76
C SER A 3 6.06 7.75 -5.40
N ALA A 4 6.37 8.43 -4.31
CA ALA A 4 7.76 8.59 -3.91
C ALA A 4 8.11 7.61 -2.79
N ASN A 5 7.62 7.90 -1.59
CA ASN A 5 7.84 7.03 -0.44
C ASN A 5 6.62 6.15 -0.22
N ASP A 6 5.47 6.67 -0.64
CA ASP A 6 4.19 6.00 -0.45
C ASP A 6 4.06 4.80 -1.36
N TRP A 7 3.12 3.94 -1.05
CA TRP A 7 2.86 2.76 -1.84
C TRP A 7 1.35 2.57 -2.02
N GLN A 8 0.97 1.80 -3.04
CA GLN A 8 -0.42 1.55 -3.35
C GLN A 8 -0.67 0.06 -3.27
N CYS A 9 -1.82 -0.30 -2.72
CA CYS A 9 -2.16 -1.69 -2.51
C CYS A 9 -2.53 -2.34 -3.83
N LYS A 10 -2.17 -3.59 -3.96
CA LYS A 10 -2.33 -4.31 -5.21
C LYS A 10 -3.71 -4.96 -5.30
N THR A 11 -4.45 -4.92 -4.20
CA THR A 11 -5.75 -5.55 -4.16
C THR A 11 -6.88 -4.57 -4.45
N CYS A 12 -6.97 -3.51 -3.65
CA CYS A 12 -8.06 -2.55 -3.79
C CYS A 12 -7.69 -1.44 -4.76
N SER A 13 -6.42 -1.40 -5.15
CA SER A 13 -5.87 -0.35 -6.01
C SER A 13 -5.94 1.01 -5.31
N ASN A 14 -6.10 0.97 -4.00
CA ASN A 14 -6.12 2.18 -3.20
C ASN A 14 -4.74 2.41 -2.61
N VAL A 15 -4.28 3.64 -2.66
CA VAL A 15 -2.97 3.97 -2.13
C VAL A 15 -3.08 4.24 -0.64
N ASN A 16 -2.30 3.49 0.12
CA ASN A 16 -2.34 3.55 1.58
C ASN A 16 -1.53 4.75 2.07
N TRP A 17 -1.06 4.70 3.30
CA TRP A 17 -0.19 5.73 3.82
C TRP A 17 1.18 5.60 3.16
N ALA A 18 2.00 6.63 3.29
CA ALA A 18 3.32 6.65 2.69
C ALA A 18 4.17 5.49 3.19
N ARG A 19 3.77 4.87 4.29
CA ARG A 19 4.57 3.81 4.89
C ARG A 19 3.72 2.86 5.71
N ARG A 20 2.61 2.41 5.13
CA ARG A 20 1.77 1.42 5.80
C ARG A 20 2.43 0.05 5.76
N SER A 21 2.33 -0.68 6.85
CA SER A 21 2.85 -2.03 6.91
C SER A 21 1.97 -2.96 6.07
N GLU A 22 0.69 -2.62 5.98
CA GLU A 22 -0.27 -3.38 5.21
C GLU A 22 -1.48 -2.51 4.88
N CYS A 23 -2.35 -3.00 4.00
CA CYS A 23 -3.54 -2.26 3.60
C CYS A 23 -4.51 -2.11 4.77
N ASN A 24 -5.32 -1.07 4.72
CA ASN A 24 -6.37 -0.84 5.71
C ASN A 24 -7.66 -1.52 5.27
N MET A 25 -7.75 -1.82 3.98
CA MET A 25 -8.96 -2.40 3.42
C MET A 25 -8.79 -3.91 3.27
N CYS A 26 -7.80 -4.30 2.48
CA CYS A 26 -7.55 -5.71 2.23
C CYS A 26 -6.64 -6.29 3.29
N ASN A 27 -5.84 -5.42 3.89
CA ASN A 27 -4.83 -5.82 4.88
C ASN A 27 -3.71 -6.60 4.21
N THR A 28 -3.53 -6.33 2.91
CA THR A 28 -2.43 -6.89 2.16
C THR A 28 -1.11 -6.41 2.72
N PRO A 29 -0.20 -7.32 3.09
CA PRO A 29 1.15 -6.95 3.50
C PRO A 29 1.84 -6.16 2.40
N LYS A 30 2.43 -5.04 2.79
CA LYS A 30 2.98 -4.03 1.87
C LYS A 30 3.44 -4.61 0.54
N TYR A 31 4.41 -5.51 0.60
CA TYR A 31 4.94 -6.10 -0.62
C TYR A 31 4.80 -7.60 -0.60
N ALA A 32 3.55 -8.06 -0.72
CA ALA A 32 3.27 -9.47 -0.90
C ALA A 32 3.39 -9.83 -2.38
N LYS A 33 3.79 -8.84 -3.16
CA LYS A 33 3.95 -8.99 -4.59
C LYS A 33 4.89 -7.92 -5.10
ZN ZN B . -6.08 -2.87 -0.34
N GLY A 1 3.86 13.08 -9.49
CA GLY A 1 5.30 12.72 -9.50
C GLY A 1 5.49 11.23 -9.27
N SER A 2 6.74 10.83 -9.05
CA SER A 2 7.06 9.45 -8.79
C SER A 2 6.72 9.08 -7.34
N SER A 3 5.58 8.44 -7.16
CA SER A 3 5.15 8.02 -5.84
C SER A 3 5.93 6.78 -5.39
N ALA A 4 7.16 7.00 -4.94
CA ALA A 4 8.01 5.93 -4.43
C ALA A 4 7.99 5.93 -2.91
N ASN A 5 7.51 7.02 -2.34
CA ASN A 5 7.39 7.15 -0.90
C ASN A 5 6.17 6.40 -0.40
N ASP A 6 4.99 6.92 -0.72
CA ASP A 6 3.75 6.24 -0.40
C ASP A 6 3.57 5.05 -1.31
N TRP A 7 2.73 4.11 -0.91
CA TRP A 7 2.50 2.93 -1.70
C TRP A 7 1.02 2.61 -1.78
N GLN A 8 0.67 1.73 -2.70
CA GLN A 8 -0.69 1.33 -2.92
C GLN A 8 -0.77 -0.19 -2.94
N CYS A 9 -1.72 -0.76 -2.23
CA CYS A 9 -1.84 -2.19 -2.10
C CYS A 9 -2.30 -2.80 -3.42
N LYS A 10 -1.76 -3.96 -3.72
CA LYS A 10 -1.94 -4.59 -5.01
C LYS A 10 -3.20 -5.45 -5.04
N THR A 11 -4.24 -4.95 -4.40
CA THR A 11 -5.54 -5.61 -4.41
C THR A 11 -6.65 -4.61 -4.70
N CYS A 12 -6.75 -3.56 -3.89
CA CYS A 12 -7.79 -2.56 -4.04
C CYS A 12 -7.35 -1.46 -5.00
N SER A 13 -6.04 -1.37 -5.17
CA SER A 13 -5.42 -0.30 -5.95
C SER A 13 -5.66 1.06 -5.29
N ASN A 14 -5.84 1.04 -3.97
CA ASN A 14 -6.00 2.27 -3.20
C ASN A 14 -4.68 2.63 -2.54
N VAL A 15 -4.41 3.93 -2.44
CA VAL A 15 -3.18 4.41 -1.84
C VAL A 15 -3.34 4.53 -0.33
N ASN A 16 -2.54 3.77 0.40
CA ASN A 16 -2.61 3.75 1.86
C ASN A 16 -1.72 4.84 2.45
N TRP A 17 -1.08 4.54 3.57
CA TRP A 17 -0.15 5.48 4.18
C TRP A 17 1.09 5.61 3.31
N ALA A 18 1.91 6.61 3.60
CA ALA A 18 3.15 6.81 2.89
C ALA A 18 4.17 5.77 3.32
N ARG A 19 3.80 4.94 4.30
CA ARG A 19 4.72 3.98 4.86
C ARG A 19 4.01 2.89 5.66
N ARG A 20 2.74 2.62 5.35
CA ARG A 20 2.00 1.59 6.08
C ARG A 20 2.62 0.22 5.82
N SER A 21 2.45 -0.70 6.76
CA SER A 21 3.00 -2.03 6.60
C SER A 21 2.02 -2.94 5.86
N GLU A 22 0.74 -2.56 5.88
CA GLU A 22 -0.30 -3.34 5.26
C GLU A 22 -1.41 -2.42 4.76
N CYS A 23 -2.37 -2.98 4.03
CA CYS A 23 -3.52 -2.23 3.56
C CYS A 23 -4.53 -2.04 4.68
N ASN A 24 -5.26 -0.94 4.63
CA ASN A 24 -6.34 -0.70 5.57
C ASN A 24 -7.63 -1.32 5.05
N MET A 25 -7.69 -1.53 3.74
CA MET A 25 -8.89 -2.03 3.08
C MET A 25 -8.85 -3.55 2.98
N CYS A 26 -7.76 -4.07 2.43
CA CYS A 26 -7.63 -5.50 2.21
C CYS A 26 -6.71 -6.14 3.25
N ASN A 27 -5.91 -5.30 3.90
CA ASN A 27 -4.96 -5.74 4.92
C ASN A 27 -3.80 -6.50 4.31
N THR A 28 -3.57 -6.27 3.01
CA THR A 28 -2.44 -6.86 2.31
C THR A 28 -1.12 -6.25 2.77
N PRO A 29 -0.19 -7.08 3.26
CA PRO A 29 1.17 -6.62 3.55
C PRO A 29 1.88 -6.23 2.27
N LYS A 30 2.51 -5.04 2.27
CA LYS A 30 3.06 -4.39 1.07
C LYS A 30 3.28 -5.34 -0.11
N TYR A 31 4.34 -6.13 -0.07
CA TYR A 31 4.57 -7.17 -1.07
C TYR A 31 4.86 -8.48 -0.36
N ALA A 32 4.14 -8.70 0.73
CA ALA A 32 4.41 -9.81 1.64
C ALA A 32 5.84 -9.73 2.13
N LYS A 33 6.27 -8.51 2.44
CA LYS A 33 7.62 -8.24 2.88
C LYS A 33 7.59 -7.32 4.08
ZN ZN B . -5.97 -2.93 -0.46
N GLY A 1 13.87 8.15 -5.30
CA GLY A 1 12.68 8.80 -5.90
C GLY A 1 11.99 9.70 -4.91
N SER A 2 11.31 10.73 -5.41
CA SER A 2 10.66 11.74 -4.56
C SER A 2 9.72 11.09 -3.55
N SER A 3 8.53 10.71 -3.99
CA SER A 3 7.58 10.03 -3.14
C SER A 3 7.74 8.52 -3.28
N ALA A 4 8.97 8.04 -3.06
CA ALA A 4 9.26 6.62 -3.10
C ALA A 4 8.91 5.96 -1.78
N ASN A 5 8.38 6.77 -0.87
CA ASN A 5 7.91 6.27 0.41
C ASN A 5 6.52 5.67 0.24
N ASP A 6 5.62 6.48 -0.34
CA ASP A 6 4.23 6.10 -0.53
C ASP A 6 4.12 4.91 -1.46
N TRP A 7 3.20 4.02 -1.15
CA TRP A 7 2.95 2.85 -1.96
C TRP A 7 1.45 2.68 -2.22
N GLN A 8 1.12 1.77 -3.12
CA GLN A 8 -0.27 1.54 -3.50
C GLN A 8 -0.58 0.05 -3.44
N CYS A 9 -1.67 -0.29 -2.78
CA CYS A 9 -2.05 -1.66 -2.56
C CYS A 9 -2.48 -2.30 -3.87
N LYS A 10 -2.23 -3.59 -3.98
CA LYS A 10 -2.44 -4.31 -5.21
C LYS A 10 -3.78 -5.02 -5.21
N THR A 11 -4.49 -4.94 -4.08
CA THR A 11 -5.78 -5.60 -3.95
C THR A 11 -6.92 -4.63 -4.25
N CYS A 12 -6.92 -3.47 -3.59
CA CYS A 12 -7.95 -2.48 -3.82
C CYS A 12 -7.48 -1.45 -4.85
N SER A 13 -6.17 -1.46 -5.10
CA SER A 13 -5.53 -0.51 -6.00
C SER A 13 -5.66 0.91 -5.46
N ASN A 14 -5.93 1.01 -4.16
CA ASN A 14 -5.98 2.29 -3.50
C ASN A 14 -4.68 2.52 -2.74
N VAL A 15 -4.15 3.73 -2.82
CA VAL A 15 -2.93 4.08 -2.12
C VAL A 15 -3.25 4.37 -0.64
N ASN A 16 -2.62 3.61 0.24
CA ASN A 16 -2.86 3.72 1.67
C ASN A 16 -2.02 4.84 2.28
N TRP A 17 -1.61 4.67 3.52
CA TRP A 17 -0.71 5.62 4.14
C TRP A 17 0.65 5.41 3.51
N ALA A 18 1.35 6.51 3.27
CA ALA A 18 2.65 6.49 2.59
C ALA A 18 3.51 5.31 3.00
N ARG A 19 3.48 4.97 4.28
CA ARG A 19 4.37 3.95 4.80
C ARG A 19 3.61 2.87 5.56
N ARG A 20 2.40 2.57 5.11
CA ARG A 20 1.61 1.51 5.73
C ARG A 20 2.32 0.17 5.56
N SER A 21 2.37 -0.61 6.62
CA SER A 21 2.98 -1.94 6.56
C SER A 21 2.12 -2.85 5.69
N GLU A 22 0.81 -2.70 5.86
CA GLU A 22 -0.16 -3.48 5.11
C GLU A 22 -1.39 -2.61 4.85
N CYS A 23 -2.20 -2.99 3.87
CA CYS A 23 -3.41 -2.23 3.53
C CYS A 23 -4.34 -2.11 4.72
N ASN A 24 -5.02 -0.99 4.81
CA ASN A 24 -6.00 -0.76 5.87
C ASN A 24 -7.34 -1.35 5.47
N MET A 25 -7.47 -1.67 4.19
CA MET A 25 -8.72 -2.18 3.66
C MET A 25 -8.62 -3.68 3.40
N CYS A 26 -7.59 -4.09 2.67
CA CYS A 26 -7.42 -5.49 2.31
C CYS A 26 -6.54 -6.22 3.31
N ASN A 27 -5.85 -5.46 4.14
CA ASN A 27 -4.94 -6.02 5.16
C ASN A 27 -3.77 -6.74 4.51
N THR A 28 -3.53 -6.45 3.24
CA THR A 28 -2.43 -7.06 2.52
C THR A 28 -1.14 -6.29 2.79
N PRO A 29 -0.12 -6.99 3.31
CA PRO A 29 1.18 -6.37 3.58
C PRO A 29 1.84 -5.90 2.29
N LYS A 30 2.46 -4.72 2.37
CA LYS A 30 3.02 -3.97 1.24
C LYS A 30 3.26 -4.82 -0.02
N TYR A 31 4.36 -5.55 -0.04
CA TYR A 31 4.67 -6.39 -1.18
C TYR A 31 4.86 -7.84 -0.73
N ALA A 32 3.97 -8.27 0.15
CA ALA A 32 4.00 -9.64 0.65
C ALA A 32 2.71 -10.37 0.28
N LYS A 33 2.37 -10.31 -1.00
CA LYS A 33 1.16 -10.96 -1.50
C LYS A 33 1.43 -12.44 -1.73
ZN ZN B . -6.04 -2.67 -0.39
N GLY A 1 10.19 -0.52 -8.26
CA GLY A 1 9.43 0.75 -8.18
C GLY A 1 10.12 1.78 -7.32
N SER A 2 10.47 2.91 -7.91
CA SER A 2 11.11 3.98 -7.18
C SER A 2 10.16 5.17 -7.03
N SER A 3 9.06 4.96 -6.33
CA SER A 3 8.10 6.02 -6.07
C SER A 3 8.69 7.04 -5.09
N ALA A 4 7.88 8.02 -4.69
CA ALA A 4 8.33 9.02 -3.73
C ALA A 4 8.63 8.37 -2.37
N ASN A 5 7.59 8.15 -1.60
CA ASN A 5 7.71 7.44 -0.33
C ASN A 5 6.34 6.91 0.04
N ASP A 6 5.67 6.34 -0.94
CA ASP A 6 4.32 5.83 -0.77
C ASP A 6 4.13 4.62 -1.67
N TRP A 7 3.19 3.76 -1.29
CA TRP A 7 2.93 2.57 -2.05
C TRP A 7 1.45 2.49 -2.41
N GLN A 8 1.11 1.50 -3.21
CA GLN A 8 -0.24 1.30 -3.66
C GLN A 8 -0.60 -0.16 -3.43
N CYS A 9 -1.80 -0.39 -2.93
CA CYS A 9 -2.25 -1.72 -2.57
C CYS A 9 -2.11 -2.69 -3.73
N LYS A 10 -1.98 -3.95 -3.38
CA LYS A 10 -1.88 -5.01 -4.36
C LYS A 10 -3.24 -5.66 -4.51
N THR A 11 -4.25 -5.04 -3.92
CA THR A 11 -5.61 -5.55 -3.95
C THR A 11 -6.61 -4.48 -4.40
N CYS A 12 -6.84 -3.47 -3.55
CA CYS A 12 -7.85 -2.45 -3.86
C CYS A 12 -7.30 -1.39 -4.80
N SER A 13 -5.99 -1.44 -5.01
CA SER A 13 -5.29 -0.50 -5.87
C SER A 13 -5.43 0.93 -5.35
N ASN A 14 -5.65 1.06 -4.06
CA ASN A 14 -5.76 2.37 -3.43
C ASN A 14 -4.45 2.74 -2.73
N VAL A 15 -4.19 4.03 -2.63
CA VAL A 15 -3.00 4.50 -1.95
C VAL A 15 -3.26 4.62 -0.44
N ASN A 16 -2.64 3.74 0.33
CA ASN A 16 -2.82 3.70 1.77
C ASN A 16 -1.98 4.78 2.44
N TRP A 17 -1.31 4.44 3.53
CA TRP A 17 -0.44 5.37 4.21
C TRP A 17 0.92 5.23 3.58
N ALA A 18 1.66 6.34 3.52
CA ALA A 18 2.97 6.41 2.86
C ALA A 18 3.82 5.15 3.10
N ARG A 19 3.72 4.59 4.29
CA ARG A 19 4.53 3.45 4.66
C ARG A 19 3.75 2.44 5.48
N ARG A 20 2.46 2.30 5.19
CA ARG A 20 1.65 1.28 5.88
C ARG A 20 2.26 -0.09 5.64
N SER A 21 2.34 -0.92 6.68
CA SER A 21 2.93 -2.24 6.56
C SER A 21 2.01 -3.16 5.75
N GLU A 22 0.72 -2.87 5.82
CA GLU A 22 -0.28 -3.60 5.05
C GLU A 22 -1.46 -2.66 4.77
N CYS A 23 -2.35 -3.06 3.87
CA CYS A 23 -3.52 -2.25 3.52
C CYS A 23 -4.42 -2.05 4.73
N ASN A 24 -5.15 -0.96 4.74
CA ASN A 24 -6.11 -0.68 5.80
C ASN A 24 -7.44 -1.37 5.51
N MET A 25 -7.65 -1.69 4.24
CA MET A 25 -8.92 -2.27 3.82
C MET A 25 -8.77 -3.76 3.52
N CYS A 26 -7.86 -4.10 2.65
CA CYS A 26 -7.64 -5.49 2.28
C CYS A 26 -6.72 -6.17 3.28
N ASN A 27 -5.96 -5.35 3.98
CA ASN A 27 -5.00 -5.81 4.98
C ASN A 27 -3.88 -6.59 4.32
N THR A 28 -3.77 -6.49 3.01
CA THR A 28 -2.69 -7.10 2.26
C THR A 28 -1.41 -6.31 2.52
N PRO A 29 -0.35 -7.00 2.97
CA PRO A 29 0.92 -6.36 3.30
C PRO A 29 1.50 -5.56 2.13
N LYS A 30 2.29 -4.54 2.48
CA LYS A 30 2.88 -3.59 1.54
C LYS A 30 3.26 -4.21 0.20
N TYR A 31 4.18 -5.15 0.23
CA TYR A 31 4.67 -5.77 -0.99
C TYR A 31 4.53 -7.28 -0.92
N ALA A 32 3.32 -7.74 -0.65
CA ALA A 32 3.04 -9.16 -0.62
C ALA A 32 3.00 -9.72 -2.04
N LYS A 33 3.80 -10.74 -2.29
CA LYS A 33 3.85 -11.37 -3.61
C LYS A 33 3.24 -12.76 -3.53
ZN ZN B . -6.20 -2.61 -0.33
N GLY A 1 10.89 10.32 -7.97
CA GLY A 1 9.73 11.22 -7.77
C GLY A 1 9.60 11.65 -6.33
N SER A 2 8.75 12.65 -6.10
CA SER A 2 8.48 13.13 -4.76
C SER A 2 7.76 12.07 -3.93
N SER A 3 6.87 11.34 -4.58
CA SER A 3 6.13 10.27 -3.92
C SER A 3 6.99 9.00 -3.81
N ALA A 4 8.09 9.12 -3.10
CA ALA A 4 9.00 7.99 -2.89
C ALA A 4 8.77 7.37 -1.53
N ASN A 5 7.55 7.48 -1.03
CA ASN A 5 7.23 6.98 0.30
C ASN A 5 5.96 6.14 0.27
N ASP A 6 4.87 6.75 -0.18
CA ASP A 6 3.57 6.09 -0.21
C ASP A 6 3.53 5.05 -1.32
N TRP A 7 2.71 4.03 -1.11
CA TRP A 7 2.60 2.91 -2.04
C TRP A 7 1.15 2.64 -2.38
N GLN A 8 0.92 1.75 -3.33
CA GLN A 8 -0.42 1.45 -3.79
C GLN A 8 -0.70 -0.04 -3.65
N CYS A 9 -1.89 -0.35 -3.20
CA CYS A 9 -2.31 -1.71 -2.98
C CYS A 9 -2.40 -2.49 -4.29
N LYS A 10 -2.20 -3.79 -4.20
CA LYS A 10 -2.37 -4.67 -5.33
C LYS A 10 -3.73 -5.36 -5.22
N THR A 11 -4.45 -5.06 -4.15
CA THR A 11 -5.75 -5.66 -3.93
C THR A 11 -6.88 -4.69 -4.25
N CYS A 12 -6.88 -3.53 -3.62
CA CYS A 12 -7.94 -2.54 -3.86
C CYS A 12 -7.46 -1.46 -4.81
N SER A 13 -6.16 -1.49 -5.10
CA SER A 13 -5.53 -0.51 -6.00
C SER A 13 -5.67 0.90 -5.46
N ASN A 14 -5.83 1.03 -4.14
CA ASN A 14 -5.84 2.32 -3.49
C ASN A 14 -4.47 2.56 -2.85
N VAL A 15 -4.01 3.79 -2.90
CA VAL A 15 -2.74 4.15 -2.29
C VAL A 15 -2.94 4.34 -0.79
N ASN A 16 -2.18 3.58 0.00
CA ASN A 16 -2.37 3.55 1.44
C ASN A 16 -1.67 4.72 2.13
N TRP A 17 -0.88 4.45 3.16
CA TRP A 17 -0.16 5.49 3.85
C TRP A 17 1.22 5.61 3.23
N ALA A 18 1.99 6.58 3.69
CA ALA A 18 3.35 6.77 3.22
C ALA A 18 4.24 5.60 3.62
N ARG A 19 3.70 4.66 4.39
CA ARG A 19 4.45 3.47 4.81
C ARG A 19 3.58 2.49 5.57
N ARG A 20 2.38 2.24 5.09
CA ARG A 20 1.52 1.24 5.72
C ARG A 20 2.15 -0.14 5.57
N SER A 21 2.32 -0.84 6.68
CA SER A 21 2.89 -2.18 6.66
C SER A 21 1.95 -3.15 5.96
N GLU A 22 0.67 -2.83 6.02
CA GLU A 22 -0.36 -3.61 5.37
C GLU A 22 -1.44 -2.66 4.85
N CYS A 23 -2.31 -3.13 3.97
CA CYS A 23 -3.39 -2.30 3.49
C CYS A 23 -4.39 -2.01 4.59
N ASN A 24 -4.82 -0.76 4.66
CA ASN A 24 -5.83 -0.35 5.62
C ASN A 24 -7.18 -0.97 5.29
N MET A 25 -7.33 -1.43 4.05
CA MET A 25 -8.60 -1.97 3.58
C MET A 25 -8.52 -3.50 3.44
N CYS A 26 -7.46 -3.97 2.78
CA CYS A 26 -7.35 -5.39 2.47
C CYS A 26 -6.52 -6.15 3.51
N ASN A 27 -5.76 -5.41 4.30
CA ASN A 27 -4.86 -6.00 5.30
C ASN A 27 -3.72 -6.75 4.60
N THR A 28 -3.57 -6.47 3.31
CA THR A 28 -2.52 -7.08 2.51
C THR A 28 -1.16 -6.45 2.87
N PRO A 29 -0.17 -7.27 3.24
CA PRO A 29 1.17 -6.78 3.55
C PRO A 29 1.76 -6.00 2.38
N LYS A 30 2.37 -4.85 2.69
CA LYS A 30 2.92 -3.90 1.72
C LYS A 30 3.20 -4.50 0.33
N TYR A 31 4.25 -5.28 0.22
CA TYR A 31 4.59 -5.91 -1.03
C TYR A 31 4.65 -7.42 -0.86
N ALA A 32 3.55 -8.09 -1.17
CA ALA A 32 3.49 -9.53 -1.08
C ALA A 32 3.76 -10.15 -2.45
N LYS A 33 4.06 -9.30 -3.41
CA LYS A 33 4.34 -9.74 -4.76
C LYS A 33 5.48 -8.91 -5.34
ZN ZN B . -6.07 -2.71 -0.39
N GLY A 1 1.33 13.26 -6.05
CA GLY A 1 1.68 11.94 -5.47
C GLY A 1 2.71 11.21 -6.30
N SER A 2 3.78 11.91 -6.65
CA SER A 2 4.82 11.35 -7.49
C SER A 2 6.04 10.97 -6.66
N SER A 3 5.83 10.14 -5.65
CA SER A 3 6.91 9.69 -4.79
C SER A 3 7.03 8.17 -4.86
N ALA A 4 8.24 7.67 -4.61
CA ALA A 4 8.48 6.23 -4.58
C ALA A 4 8.38 5.72 -3.14
N ASN A 5 8.17 6.65 -2.22
CA ASN A 5 8.01 6.33 -0.82
C ASN A 5 6.59 5.80 -0.56
N ASP A 6 5.62 6.54 -1.05
CA ASP A 6 4.21 6.18 -0.90
C ASP A 6 3.90 4.94 -1.73
N TRP A 7 3.14 4.03 -1.17
CA TRP A 7 2.77 2.82 -1.88
C TRP A 7 1.25 2.63 -1.89
N GLN A 8 0.79 1.77 -2.77
CA GLN A 8 -0.62 1.46 -2.90
C GLN A 8 -0.77 -0.05 -3.01
N CYS A 9 -1.73 -0.60 -2.29
CA CYS A 9 -1.91 -2.03 -2.22
C CYS A 9 -2.45 -2.56 -3.54
N LYS A 10 -2.02 -3.76 -3.88
CA LYS A 10 -2.29 -4.34 -5.20
C LYS A 10 -3.69 -4.96 -5.26
N THR A 11 -4.39 -4.96 -4.14
CA THR A 11 -5.70 -5.57 -4.08
C THR A 11 -6.81 -4.57 -4.40
N CYS A 12 -6.75 -3.39 -3.80
CA CYS A 12 -7.79 -2.40 -4.00
C CYS A 12 -7.33 -1.33 -4.99
N SER A 13 -6.01 -1.24 -5.14
CA SER A 13 -5.39 -0.19 -5.96
C SER A 13 -5.60 1.18 -5.33
N ASN A 14 -5.84 1.19 -4.03
CA ASN A 14 -6.03 2.44 -3.30
C ASN A 14 -4.74 2.80 -2.55
N VAL A 15 -4.43 4.09 -2.49
CA VAL A 15 -3.23 4.55 -1.80
C VAL A 15 -3.47 4.59 -0.30
N ASN A 16 -2.71 3.78 0.42
CA ASN A 16 -2.85 3.68 1.87
C ASN A 16 -2.18 4.87 2.56
N TRP A 17 -1.10 4.62 3.30
CA TRP A 17 -0.35 5.68 3.94
C TRP A 17 0.88 5.93 3.10
N ALA A 18 1.77 6.77 3.60
CA ALA A 18 3.06 6.94 2.96
C ALA A 18 3.86 5.65 3.09
N ARG A 19 3.52 4.85 4.11
CA ARG A 19 4.23 3.60 4.37
C ARG A 19 3.47 2.73 5.38
N ARG A 20 2.23 2.40 5.06
CA ARG A 20 1.49 1.47 5.90
C ARG A 20 2.12 0.08 5.80
N SER A 21 2.13 -0.65 6.90
CA SER A 21 2.69 -2.01 6.91
C SER A 21 1.85 -2.93 6.02
N GLU A 22 0.55 -2.77 6.13
CA GLU A 22 -0.41 -3.53 5.34
C GLU A 22 -1.54 -2.61 4.93
N CYS A 23 -2.35 -3.05 3.98
CA CYS A 23 -3.52 -2.29 3.57
C CYS A 23 -4.52 -2.19 4.71
N ASN A 24 -5.17 -1.05 4.83
CA ASN A 24 -6.20 -0.86 5.85
C ASN A 24 -7.52 -1.43 5.36
N MET A 25 -7.58 -1.76 4.08
CA MET A 25 -8.81 -2.28 3.48
C MET A 25 -8.71 -3.78 3.25
N CYS A 26 -7.69 -4.18 2.51
CA CYS A 26 -7.52 -5.59 2.16
C CYS A 26 -6.58 -6.30 3.14
N ASN A 27 -5.80 -5.51 3.86
CA ASN A 27 -4.82 -6.02 4.82
C ASN A 27 -3.67 -6.73 4.11
N THR A 28 -3.44 -6.37 2.85
CA THR A 28 -2.34 -6.90 2.09
C THR A 28 -1.02 -6.36 2.61
N PRO A 29 -0.09 -7.24 3.03
CA PRO A 29 1.25 -6.83 3.44
C PRO A 29 1.96 -6.09 2.30
N LYS A 30 2.62 -4.98 2.66
CA LYS A 30 3.27 -4.06 1.71
C LYS A 30 3.67 -4.73 0.40
N TYR A 31 4.58 -5.68 0.49
CA TYR A 31 5.02 -6.41 -0.69
C TYR A 31 5.03 -7.91 -0.43
N ALA A 32 3.85 -8.46 -0.20
CA ALA A 32 3.69 -9.89 -0.03
C ALA A 32 3.77 -10.59 -1.38
N LYS A 33 4.93 -11.13 -1.68
CA LYS A 33 5.16 -11.81 -2.94
C LYS A 33 4.96 -13.30 -2.78
ZN ZN B . -6.01 -2.79 -0.44
N GLY A 1 1.99 11.82 -6.11
CA GLY A 1 2.78 11.92 -7.36
C GLY A 1 3.09 10.57 -7.95
N SER A 2 4.38 10.25 -8.05
CA SER A 2 4.80 8.96 -8.60
C SER A 2 5.06 7.95 -7.49
N SER A 3 4.50 8.22 -6.32
CA SER A 3 4.68 7.36 -5.14
C SER A 3 6.16 7.20 -4.82
N ALA A 4 6.78 8.28 -4.38
CA ALA A 4 8.18 8.28 -4.04
C ALA A 4 8.44 7.43 -2.81
N ASN A 5 7.67 7.67 -1.75
CA ASN A 5 7.80 6.91 -0.52
C ASN A 5 6.55 6.06 -0.31
N ASP A 6 5.41 6.61 -0.71
CA ASP A 6 4.12 5.95 -0.55
C ASP A 6 3.98 4.79 -1.50
N TRP A 7 3.12 3.84 -1.14
CA TRP A 7 2.83 2.71 -1.99
C TRP A 7 1.34 2.63 -2.27
N GLN A 8 0.97 1.77 -3.19
CA GLN A 8 -0.41 1.62 -3.59
C GLN A 8 -0.77 0.15 -3.59
N CYS A 9 -1.92 -0.16 -3.00
CA CYS A 9 -2.37 -1.52 -2.85
C CYS A 9 -2.47 -2.23 -4.20
N LYS A 10 -2.30 -3.53 -4.15
CA LYS A 10 -2.42 -4.35 -5.33
C LYS A 10 -3.78 -5.01 -5.38
N THR A 11 -4.47 -5.01 -4.25
CA THR A 11 -5.77 -5.64 -4.16
C THR A 11 -6.89 -4.65 -4.44
N CYS A 12 -6.95 -3.55 -3.69
CA CYS A 12 -7.98 -2.55 -3.90
C CYS A 12 -7.45 -1.41 -4.76
N SER A 13 -6.14 -1.42 -4.97
CA SER A 13 -5.45 -0.42 -5.78
C SER A 13 -5.57 0.97 -5.17
N ASN A 14 -5.81 1.01 -3.87
CA ASN A 14 -5.86 2.28 -3.15
C ASN A 14 -4.50 2.54 -2.51
N VAL A 15 -4.03 3.77 -2.62
CA VAL A 15 -2.81 4.16 -1.94
C VAL A 15 -3.13 4.43 -0.46
N ASN A 16 -2.56 3.63 0.40
CA ASN A 16 -2.84 3.69 1.82
C ASN A 16 -2.05 4.82 2.48
N TRP A 17 -1.24 4.51 3.47
CA TRP A 17 -0.34 5.49 4.03
C TRP A 17 0.99 5.34 3.33
N ALA A 18 1.81 6.38 3.35
CA ALA A 18 3.12 6.37 2.70
C ALA A 18 3.92 5.13 3.08
N ARG A 19 3.61 4.56 4.24
CA ARG A 19 4.33 3.39 4.71
C ARG A 19 3.44 2.49 5.54
N ARG A 20 2.24 2.22 5.05
CA ARG A 20 1.36 1.27 5.70
C ARG A 20 1.97 -0.13 5.61
N SER A 21 2.15 -0.77 6.75
CA SER A 21 2.72 -2.13 6.80
C SER A 21 1.87 -3.08 5.97
N GLU A 22 0.56 -2.91 6.07
CA GLU A 22 -0.39 -3.63 5.25
C GLU A 22 -1.55 -2.71 4.92
N CYS A 23 -2.32 -3.05 3.89
CA CYS A 23 -3.47 -2.26 3.49
C CYS A 23 -4.44 -2.07 4.66
N ASN A 24 -5.05 -0.90 4.72
CA ASN A 24 -6.06 -0.62 5.74
C ASN A 24 -7.40 -1.19 5.30
N MET A 25 -7.48 -1.58 4.03
CA MET A 25 -8.72 -2.06 3.46
C MET A 25 -8.67 -3.58 3.23
N CYS A 26 -7.55 -4.06 2.70
CA CYS A 26 -7.41 -5.48 2.39
C CYS A 26 -6.53 -6.19 3.41
N ASN A 27 -5.80 -5.42 4.21
CA ASN A 27 -4.83 -5.96 5.17
C ASN A 27 -3.69 -6.68 4.44
N THR A 28 -3.53 -6.34 3.16
CA THR A 28 -2.47 -6.91 2.34
C THR A 28 -1.14 -6.30 2.71
N PRO A 29 -0.17 -7.12 3.15
CA PRO A 29 1.19 -6.65 3.45
C PRO A 29 1.78 -5.86 2.29
N LYS A 30 2.43 -4.75 2.62
CA LYS A 30 3.03 -3.83 1.65
C LYS A 30 3.54 -4.54 0.40
N TYR A 31 4.59 -5.32 0.57
CA TYR A 31 5.12 -6.13 -0.51
C TYR A 31 5.68 -7.43 0.05
N ALA A 32 4.99 -8.52 -0.25
CA ALA A 32 5.31 -9.80 0.34
C ALA A 32 6.39 -10.52 -0.45
N LYS A 33 7.63 -10.41 0.00
CA LYS A 33 8.75 -11.09 -0.62
C LYS A 33 9.52 -11.85 0.43
ZN ZN B . -6.16 -2.73 -0.40
N GLY A 1 6.92 4.51 -11.69
CA GLY A 1 5.77 5.42 -11.65
C GLY A 1 5.90 6.45 -10.54
N SER A 2 4.83 7.20 -10.30
CA SER A 2 4.84 8.26 -9.30
C SER A 2 4.64 7.69 -7.90
N SER A 3 5.63 6.94 -7.44
CA SER A 3 5.62 6.37 -6.10
C SER A 3 7.04 6.36 -5.52
N ALA A 4 7.40 7.41 -4.83
CA ALA A 4 8.72 7.51 -4.22
C ALA A 4 8.78 6.72 -2.91
N ASN A 5 7.92 7.09 -1.98
CA ASN A 5 7.85 6.39 -0.69
C ASN A 5 6.46 5.81 -0.49
N ASP A 6 5.45 6.66 -0.63
CA ASP A 6 4.05 6.24 -0.51
C ASP A 6 3.73 5.17 -1.52
N TRP A 7 3.09 4.10 -1.05
CA TRP A 7 2.83 2.94 -1.89
C TRP A 7 1.33 2.71 -2.07
N GLN A 8 1.00 1.82 -2.99
CA GLN A 8 -0.36 1.52 -3.33
C GLN A 8 -0.58 0.02 -3.30
N CYS A 9 -1.60 -0.41 -2.58
CA CYS A 9 -1.87 -1.83 -2.40
C CYS A 9 -2.46 -2.40 -3.68
N LYS A 10 -2.16 -3.67 -3.93
CA LYS A 10 -2.46 -4.29 -5.20
C LYS A 10 -3.89 -4.82 -5.28
N THR A 11 -4.55 -4.92 -4.15
CA THR A 11 -5.88 -5.48 -4.10
C THR A 11 -6.96 -4.43 -4.38
N CYS A 12 -6.94 -3.33 -3.62
CA CYS A 12 -7.95 -2.30 -3.77
C CYS A 12 -7.55 -1.30 -4.84
N SER A 13 -6.25 -1.28 -5.13
CA SER A 13 -5.66 -0.29 -6.02
C SER A 13 -5.76 1.10 -5.39
N ASN A 14 -5.89 1.12 -4.07
CA ASN A 14 -5.90 2.36 -3.33
C ASN A 14 -4.54 2.59 -2.70
N VAL A 15 -4.06 3.81 -2.76
CA VAL A 15 -2.79 4.15 -2.15
C VAL A 15 -3.00 4.33 -0.65
N ASN A 16 -2.16 3.65 0.12
CA ASN A 16 -2.31 3.61 1.57
C ASN A 16 -1.63 4.81 2.20
N TRP A 17 -1.10 4.62 3.40
CA TRP A 17 -0.27 5.62 4.03
C TRP A 17 1.03 5.68 3.26
N ALA A 18 1.79 6.75 3.42
CA ALA A 18 3.07 6.87 2.73
C ALA A 18 4.05 5.80 3.18
N ARG A 19 3.65 5.04 4.20
CA ARG A 19 4.53 4.04 4.78
C ARG A 19 3.74 3.04 5.64
N ARG A 20 2.54 2.68 5.22
CA ARG A 20 1.77 1.68 5.95
C ARG A 20 2.41 0.31 5.77
N SER A 21 2.31 -0.54 6.76
CA SER A 21 2.91 -1.87 6.67
C SER A 21 2.01 -2.81 5.88
N GLU A 22 0.71 -2.55 5.95
CA GLU A 22 -0.28 -3.36 5.26
C GLU A 22 -1.52 -2.51 4.97
N CYS A 23 -2.37 -2.99 4.08
CA CYS A 23 -3.63 -2.32 3.78
C CYS A 23 -4.58 -2.43 4.97
N ASN A 24 -5.48 -1.46 5.08
CA ASN A 24 -6.53 -1.53 6.09
C ASN A 24 -7.80 -2.13 5.48
N MET A 25 -7.88 -2.08 4.16
CA MET A 25 -9.06 -2.58 3.45
C MET A 25 -8.88 -4.04 3.11
N CYS A 26 -7.79 -4.35 2.41
CA CYS A 26 -7.50 -5.71 2.00
C CYS A 26 -6.58 -6.40 2.99
N ASN A 27 -5.94 -5.58 3.84
CA ASN A 27 -4.99 -6.07 4.84
C ASN A 27 -3.79 -6.71 4.18
N THR A 28 -3.52 -6.31 2.94
CA THR A 28 -2.38 -6.80 2.19
C THR A 28 -1.09 -6.17 2.72
N PRO A 29 -0.18 -6.98 3.27
CA PRO A 29 1.14 -6.51 3.67
C PRO A 29 1.89 -5.94 2.46
N LYS A 30 2.64 -4.86 2.69
CA LYS A 30 3.32 -4.08 1.65
C LYS A 30 3.59 -4.87 0.38
N TYR A 31 4.40 -5.91 0.47
CA TYR A 31 4.72 -6.73 -0.68
C TYR A 31 4.63 -8.22 -0.33
N ALA A 32 3.51 -8.61 0.27
CA ALA A 32 3.26 -10.01 0.56
C ALA A 32 2.73 -10.70 -0.69
N LYS A 33 3.51 -11.62 -1.22
CA LYS A 33 3.13 -12.35 -2.42
C LYS A 33 3.48 -13.82 -2.25
ZN ZN B . -5.89 -2.68 -0.39
N GLY A 1 5.89 16.64 -3.62
CA GLY A 1 6.99 16.31 -2.68
C GLY A 1 6.49 15.76 -1.37
N SER A 2 5.64 16.52 -0.70
CA SER A 2 5.05 16.10 0.58
C SER A 2 4.28 14.80 0.43
N SER A 3 4.69 13.79 1.19
CA SER A 3 4.05 12.47 1.18
C SER A 3 4.09 11.83 -0.21
N ALA A 4 5.16 12.10 -0.95
CA ALA A 4 5.33 11.51 -2.27
C ALA A 4 6.28 10.32 -2.21
N ASN A 5 6.12 9.52 -1.18
CA ASN A 5 6.96 8.34 -0.98
C ASN A 5 6.13 7.18 -0.47
N ASP A 6 4.83 7.26 -0.75
CA ASP A 6 3.88 6.26 -0.31
C ASP A 6 3.82 5.10 -1.30
N TRP A 7 3.02 4.10 -0.97
CA TRP A 7 2.84 2.95 -1.83
C TRP A 7 1.36 2.70 -2.07
N GLN A 8 1.06 1.82 -3.01
CA GLN A 8 -0.30 1.55 -3.41
C GLN A 8 -0.56 0.06 -3.37
N CYS A 9 -1.75 -0.30 -2.93
CA CYS A 9 -2.14 -1.69 -2.71
C CYS A 9 -2.18 -2.48 -4.01
N LYS A 10 -2.00 -3.77 -3.88
CA LYS A 10 -2.07 -4.66 -5.02
C LYS A 10 -3.41 -5.39 -5.05
N THR A 11 -4.18 -5.25 -3.98
CA THR A 11 -5.48 -5.90 -3.89
C THR A 11 -6.61 -4.94 -4.27
N CYS A 12 -6.63 -3.75 -3.66
CA CYS A 12 -7.65 -2.76 -4.01
C CYS A 12 -7.06 -1.68 -4.90
N SER A 13 -5.73 -1.62 -4.92
CA SER A 13 -4.99 -0.64 -5.72
C SER A 13 -5.22 0.78 -5.20
N ASN A 14 -5.63 0.89 -3.94
CA ASN A 14 -5.76 2.19 -3.31
C ASN A 14 -4.43 2.57 -2.68
N VAL A 15 -4.15 3.87 -2.62
CA VAL A 15 -2.90 4.34 -2.07
C VAL A 15 -2.99 4.40 -0.55
N ASN A 16 -2.15 3.60 0.10
CA ASN A 16 -2.16 3.48 1.55
C ASN A 16 -1.42 4.66 2.19
N TRP A 17 -0.84 4.44 3.36
CA TRP A 17 -0.04 5.46 4.01
C TRP A 17 1.31 5.54 3.30
N ALA A 18 2.09 6.56 3.65
CA ALA A 18 3.40 6.74 3.06
C ALA A 18 4.33 5.58 3.41
N ARG A 19 3.92 4.75 4.36
CA ARG A 19 4.79 3.71 4.86
C ARG A 19 4.03 2.59 5.58
N ARG A 20 2.79 2.33 5.19
CA ARG A 20 2.00 1.29 5.86
C ARG A 20 2.61 -0.09 5.60
N SER A 21 2.49 -0.99 6.55
CA SER A 21 3.02 -2.33 6.40
C SER A 21 1.98 -3.25 5.76
N GLU A 22 0.72 -2.85 5.86
CA GLU A 22 -0.38 -3.60 5.28
C GLU A 22 -1.52 -2.64 4.90
N CYS A 23 -2.33 -3.05 3.94
CA CYS A 23 -3.47 -2.26 3.50
C CYS A 23 -4.47 -2.11 4.63
N ASN A 24 -5.11 -0.95 4.70
CA ASN A 24 -6.16 -0.72 5.68
C ASN A 24 -7.49 -1.25 5.17
N MET A 25 -7.55 -1.50 3.87
CA MET A 25 -8.80 -1.93 3.24
C MET A 25 -8.80 -3.44 3.03
N CYS A 26 -7.67 -3.99 2.59
CA CYS A 26 -7.58 -5.42 2.34
C CYS A 26 -6.86 -6.14 3.47
N ASN A 27 -6.09 -5.39 4.25
CA ASN A 27 -5.22 -5.95 5.28
C ASN A 27 -4.09 -6.75 4.64
N THR A 28 -3.88 -6.49 3.35
CA THR A 28 -2.83 -7.14 2.59
C THR A 28 -1.49 -6.48 2.89
N PRO A 29 -0.47 -7.27 3.26
CA PRO A 29 0.88 -6.76 3.48
C PRO A 29 1.40 -6.00 2.27
N LYS A 30 2.32 -5.06 2.50
CA LYS A 30 2.87 -4.17 1.47
C LYS A 30 3.00 -4.84 0.12
N TYR A 31 3.64 -6.00 0.09
CA TYR A 31 3.74 -6.77 -1.13
C TYR A 31 3.58 -8.25 -0.82
N ALA A 32 2.32 -8.65 -0.67
CA ALA A 32 1.97 -10.03 -0.35
C ALA A 32 2.52 -11.00 -1.36
N LYS A 33 3.18 -12.04 -0.87
CA LYS A 33 3.76 -13.06 -1.72
C LYS A 33 3.73 -14.40 -0.99
ZN ZN B . -6.04 -2.83 -0.45
N GLY A 1 5.58 12.87 -10.40
CA GLY A 1 5.93 12.60 -8.99
C GLY A 1 5.71 11.16 -8.60
N SER A 2 4.78 10.93 -7.67
CA SER A 2 4.52 9.60 -7.12
C SER A 2 5.80 8.96 -6.60
N SER A 3 6.24 9.45 -5.45
CA SER A 3 7.48 9.01 -4.82
C SER A 3 7.47 7.52 -4.53
N ALA A 4 8.65 6.90 -4.52
CA ALA A 4 8.79 5.48 -4.20
C ALA A 4 8.75 5.28 -2.69
N ASN A 5 7.77 5.91 -2.04
CA ASN A 5 7.62 5.85 -0.60
C ASN A 5 6.17 5.56 -0.25
N ASP A 6 5.29 6.44 -0.73
CA ASP A 6 3.86 6.25 -0.58
C ASP A 6 3.41 5.15 -1.53
N TRP A 7 3.24 3.96 -0.99
CA TRP A 7 2.92 2.81 -1.81
C TRP A 7 1.43 2.70 -2.05
N GLN A 8 1.06 1.88 -3.02
CA GLN A 8 -0.32 1.72 -3.41
C GLN A 8 -0.65 0.23 -3.43
N CYS A 9 -1.80 -0.12 -2.90
CA CYS A 9 -2.21 -1.50 -2.76
C CYS A 9 -2.25 -2.21 -4.09
N LYS A 10 -2.03 -3.51 -4.04
CA LYS A 10 -2.07 -4.34 -5.22
C LYS A 10 -3.40 -5.09 -5.27
N THR A 11 -4.20 -4.92 -4.22
CA THR A 11 -5.48 -5.58 -4.15
C THR A 11 -6.62 -4.61 -4.46
N CYS A 12 -6.75 -3.52 -3.69
CA CYS A 12 -7.81 -2.57 -3.93
C CYS A 12 -7.32 -1.44 -4.84
N SER A 13 -6.01 -1.43 -5.09
CA SER A 13 -5.37 -0.42 -5.95
C SER A 13 -5.52 0.97 -5.35
N ASN A 14 -5.79 1.02 -4.06
CA ASN A 14 -5.88 2.28 -3.35
C ASN A 14 -4.58 2.55 -2.61
N VAL A 15 -4.10 3.77 -2.68
CA VAL A 15 -2.87 4.13 -1.98
C VAL A 15 -3.19 4.39 -0.51
N ASN A 16 -2.50 3.65 0.35
CA ASN A 16 -2.74 3.69 1.78
C ASN A 16 -1.98 4.85 2.41
N TRP A 17 -1.44 4.64 3.60
CA TRP A 17 -0.58 5.61 4.22
C TRP A 17 0.76 5.57 3.50
N ALA A 18 1.49 6.68 3.52
CA ALA A 18 2.74 6.80 2.80
C ALA A 18 3.81 5.84 3.31
N ARG A 19 3.45 4.99 4.27
CA ARG A 19 4.38 4.01 4.81
C ARG A 19 3.63 2.94 5.60
N ARG A 20 2.44 2.58 5.15
CA ARG A 20 1.68 1.53 5.82
C ARG A 20 2.41 0.18 5.71
N SER A 21 2.34 -0.62 6.76
CA SER A 21 2.95 -1.94 6.73
C SER A 21 2.11 -2.90 5.88
N GLU A 22 0.81 -2.67 5.90
CA GLU A 22 -0.14 -3.49 5.18
C GLU A 22 -1.39 -2.67 4.89
N CYS A 23 -2.18 -3.06 3.90
CA CYS A 23 -3.37 -2.31 3.52
C CYS A 23 -4.32 -2.17 4.70
N ASN A 24 -4.96 -1.01 4.78
CA ASN A 24 -5.95 -0.74 5.80
C ASN A 24 -7.31 -1.29 5.36
N MET A 25 -7.42 -1.61 4.09
CA MET A 25 -8.67 -2.10 3.52
C MET A 25 -8.62 -3.61 3.33
N CYS A 26 -7.58 -4.08 2.64
CA CYS A 26 -7.47 -5.50 2.30
C CYS A 26 -6.71 -6.27 3.36
N ASN A 27 -5.91 -5.55 4.15
CA ASN A 27 -5.04 -6.15 5.16
C ASN A 27 -3.85 -6.84 4.49
N THR A 28 -3.66 -6.53 3.22
CA THR A 28 -2.57 -7.08 2.42
C THR A 28 -1.23 -6.49 2.83
N PRO A 29 -0.28 -7.33 3.28
CA PRO A 29 1.05 -6.87 3.63
C PRO A 29 1.74 -6.19 2.45
N LYS A 30 2.38 -5.05 2.74
CA LYS A 30 2.93 -4.11 1.75
C LYS A 30 3.13 -4.69 0.36
N TYR A 31 4.18 -5.48 0.17
CA TYR A 31 4.50 -6.01 -1.15
C TYR A 31 4.67 -7.52 -1.11
N ALA A 32 3.77 -8.18 -0.39
CA ALA A 32 3.77 -9.63 -0.32
C ALA A 32 2.90 -10.19 -1.44
N LYS A 33 3.53 -10.50 -2.56
CA LYS A 33 2.80 -10.98 -3.72
C LYS A 33 2.87 -12.50 -3.79
ZN ZN B . -6.03 -2.74 -0.41
N GLY A 1 4.34 10.82 -9.27
CA GLY A 1 5.24 9.97 -10.07
C GLY A 1 5.26 8.53 -9.58
N SER A 2 6.45 8.03 -9.30
CA SER A 2 6.63 6.64 -8.87
C SER A 2 6.35 6.46 -7.38
N SER A 3 5.83 7.51 -6.75
CA SER A 3 5.59 7.54 -5.31
C SER A 3 6.90 7.50 -4.53
N ALA A 4 7.19 8.59 -3.82
CA ALA A 4 8.44 8.72 -3.08
C ALA A 4 8.61 7.58 -2.08
N ASN A 5 7.82 7.63 -1.02
CA ASN A 5 7.84 6.58 0.00
C ASN A 5 6.57 5.75 -0.07
N ASP A 6 5.54 6.36 -0.66
CA ASP A 6 4.20 5.80 -0.71
C ASP A 6 4.15 4.52 -1.53
N TRP A 7 3.06 3.79 -1.41
CA TRP A 7 2.89 2.54 -2.12
C TRP A 7 1.42 2.31 -2.48
N GLN A 8 1.17 1.36 -3.36
CA GLN A 8 -0.18 1.10 -3.85
C GLN A 8 -0.56 -0.36 -3.63
N CYS A 9 -1.67 -0.56 -2.95
CA CYS A 9 -2.19 -1.89 -2.70
C CYS A 9 -2.62 -2.55 -4.02
N LYS A 10 -2.54 -3.87 -4.08
CA LYS A 10 -2.79 -4.58 -5.32
C LYS A 10 -4.20 -5.19 -5.33
N THR A 11 -4.98 -4.94 -4.30
CA THR A 11 -6.33 -5.48 -4.21
C THR A 11 -7.35 -4.37 -4.44
N CYS A 12 -7.39 -3.43 -3.52
CA CYS A 12 -8.26 -2.28 -3.62
C CYS A 12 -7.64 -1.27 -4.58
N SER A 13 -6.35 -1.45 -4.85
CA SER A 13 -5.58 -0.52 -5.68
C SER A 13 -5.54 0.83 -5.01
N ASN A 14 -5.51 0.79 -3.69
CA ASN A 14 -5.57 2.00 -2.88
C ASN A 14 -4.18 2.38 -2.40
N VAL A 15 -3.81 3.64 -2.61
CA VAL A 15 -2.58 4.15 -2.07
C VAL A 15 -2.80 4.49 -0.61
N ASN A 16 -2.18 3.73 0.26
CA ASN A 16 -2.41 3.84 1.70
C ASN A 16 -1.64 5.01 2.28
N TRP A 17 -0.96 4.80 3.40
CA TRP A 17 -0.11 5.81 3.97
C TRP A 17 1.27 5.64 3.37
N ALA A 18 2.07 6.70 3.40
CA ALA A 18 3.40 6.72 2.78
C ALA A 18 4.29 5.57 3.25
N ARG A 19 3.84 4.83 4.25
CA ARG A 19 4.57 3.65 4.70
C ARG A 19 3.67 2.75 5.53
N ARG A 20 2.42 2.61 5.11
CA ARG A 20 1.50 1.69 5.78
C ARG A 20 2.06 0.27 5.75
N SER A 21 2.13 -0.37 6.90
CA SER A 21 2.65 -1.73 7.00
C SER A 21 1.83 -2.68 6.13
N GLU A 22 0.56 -2.38 6.02
CA GLU A 22 -0.36 -3.18 5.22
C GLU A 22 -1.59 -2.34 4.87
N CYS A 23 -2.28 -2.72 3.80
CA CYS A 23 -3.53 -2.09 3.45
C CYS A 23 -4.59 -2.46 4.48
N ASN A 24 -5.19 -1.44 5.08
CA ASN A 24 -6.20 -1.68 6.10
C ASN A 24 -7.52 -2.06 5.44
N MET A 25 -7.56 -2.00 4.12
CA MET A 25 -8.78 -2.29 3.37
C MET A 25 -8.86 -3.77 2.98
N CYS A 26 -7.75 -4.36 2.57
CA CYS A 26 -7.77 -5.76 2.14
C CYS A 26 -6.85 -6.63 3.00
N ASN A 27 -6.09 -6.00 3.88
CA ASN A 27 -5.14 -6.70 4.76
C ASN A 27 -3.99 -7.30 3.96
N THR A 28 -3.53 -6.54 2.96
CA THR A 28 -2.36 -6.92 2.18
C THR A 28 -1.13 -6.16 2.66
N PRO A 29 -0.09 -6.89 3.11
CA PRO A 29 1.17 -6.28 3.54
C PRO A 29 1.84 -5.49 2.42
N LYS A 30 2.45 -4.36 2.80
CA LYS A 30 3.06 -3.37 1.88
C LYS A 30 3.40 -3.95 0.50
N TYR A 31 4.41 -4.81 0.44
CA TYR A 31 4.81 -5.42 -0.81
C TYR A 31 5.29 -6.84 -0.57
N ALA A 32 4.54 -7.58 0.23
CA ALA A 32 4.89 -8.95 0.57
C ALA A 32 4.38 -9.93 -0.46
N LYS A 33 5.29 -10.68 -1.07
CA LYS A 33 4.92 -11.68 -2.06
C LYS A 33 5.94 -12.81 -2.03
ZN ZN B . -6.11 -3.04 -0.36
N GLY A 1 2.87 18.01 -0.95
CA GLY A 1 2.21 16.89 -0.24
C GLY A 1 2.16 15.62 -1.07
N SER A 2 2.60 15.72 -2.32
CA SER A 2 2.63 14.55 -3.19
C SER A 2 4.04 13.96 -3.22
N SER A 3 4.24 12.87 -2.50
CA SER A 3 5.53 12.21 -2.43
C SER A 3 5.46 10.86 -3.14
N ALA A 4 6.61 10.38 -3.58
CA ALA A 4 6.71 9.05 -4.17
C ALA A 4 7.23 8.06 -3.14
N ASN A 5 7.09 8.44 -1.88
CA ASN A 5 7.57 7.65 -0.76
C ASN A 5 6.49 6.67 -0.29
N ASP A 6 5.26 6.91 -0.72
CA ASP A 6 4.13 6.08 -0.35
C ASP A 6 4.11 4.79 -1.15
N TRP A 7 3.05 4.02 -1.01
CA TRP A 7 2.89 2.80 -1.77
C TRP A 7 1.41 2.51 -1.98
N GLN A 8 1.12 1.68 -2.97
CA GLN A 8 -0.24 1.34 -3.34
C GLN A 8 -0.43 -0.16 -3.27
N CYS A 9 -1.54 -0.59 -2.70
CA CYS A 9 -1.80 -2.00 -2.51
C CYS A 9 -2.34 -2.61 -3.80
N LYS A 10 -2.23 -3.93 -3.91
CA LYS A 10 -2.51 -4.63 -5.16
C LYS A 10 -3.97 -5.07 -5.23
N THR A 11 -4.66 -5.05 -4.10
CA THR A 11 -6.00 -5.59 -4.05
C THR A 11 -7.06 -4.52 -4.30
N CYS A 12 -6.96 -3.39 -3.63
CA CYS A 12 -7.96 -2.34 -3.77
C CYS A 12 -7.57 -1.35 -4.86
N SER A 13 -6.27 -1.36 -5.20
CA SER A 13 -5.70 -0.37 -6.11
C SER A 13 -5.78 1.02 -5.49
N ASN A 14 -5.93 1.04 -4.16
CA ASN A 14 -5.92 2.27 -3.41
C ASN A 14 -4.56 2.44 -2.75
N VAL A 15 -4.02 3.65 -2.81
CA VAL A 15 -2.75 3.93 -2.18
C VAL A 15 -2.94 4.13 -0.69
N ASN A 16 -2.22 3.37 0.10
CA ASN A 16 -2.35 3.40 1.55
C ASN A 16 -1.58 4.59 2.11
N TRP A 17 -1.17 4.52 3.38
CA TRP A 17 -0.37 5.59 3.95
C TRP A 17 1.02 5.54 3.35
N ALA A 18 1.76 6.62 3.49
CA ALA A 18 3.08 6.75 2.88
C ALA A 18 4.09 5.74 3.45
N ARG A 19 3.64 4.92 4.40
CA ARG A 19 4.52 3.94 5.01
C ARG A 19 3.71 2.89 5.80
N ARG A 20 2.53 2.56 5.32
CA ARG A 20 1.72 1.53 5.96
C ARG A 20 2.42 0.18 5.87
N SER A 21 2.34 -0.62 6.92
CA SER A 21 2.94 -1.94 6.91
C SER A 21 2.14 -2.88 6.03
N GLU A 22 0.83 -2.70 6.07
CA GLU A 22 -0.09 -3.47 5.25
C GLU A 22 -1.31 -2.61 4.93
N CYS A 23 -2.11 -3.03 3.96
CA CYS A 23 -3.30 -2.30 3.58
C CYS A 23 -4.27 -2.22 4.76
N ASN A 24 -5.03 -1.14 4.84
CA ASN A 24 -6.07 -1.01 5.85
C ASN A 24 -7.43 -1.30 5.25
N MET A 25 -7.43 -1.67 3.97
CA MET A 25 -8.66 -2.02 3.28
C MET A 25 -8.70 -3.53 3.06
N CYS A 26 -7.67 -4.04 2.41
CA CYS A 26 -7.56 -5.46 2.12
C CYS A 26 -6.68 -6.14 3.16
N ASN A 27 -5.91 -5.34 3.87
CA ASN A 27 -4.98 -5.82 4.90
C ASN A 27 -3.89 -6.68 4.28
N THR A 28 -3.64 -6.44 3.00
CA THR A 28 -2.56 -7.11 2.29
C THR A 28 -1.22 -6.54 2.75
N PRO A 29 -0.29 -7.41 3.20
CA PRO A 29 1.05 -6.99 3.58
C PRO A 29 1.73 -6.25 2.42
N LYS A 30 2.39 -5.13 2.75
CA LYS A 30 2.95 -4.18 1.78
C LYS A 30 3.15 -4.77 0.38
N TYR A 31 4.11 -5.66 0.24
CA TYR A 31 4.33 -6.33 -1.03
C TYR A 31 4.38 -7.84 -0.84
N ALA A 32 3.21 -8.42 -0.61
CA ALA A 32 3.08 -9.86 -0.48
C ALA A 32 2.43 -10.45 -1.73
N LYS A 33 3.17 -11.29 -2.43
CA LYS A 33 2.66 -11.95 -3.62
C LYS A 33 3.05 -13.42 -3.60
ZN ZN B . -5.83 -2.74 -0.44
N GLY A 1 2.61 14.87 -0.18
CA GLY A 1 2.98 16.08 -0.96
C GLY A 1 4.45 16.09 -1.33
N SER A 2 4.73 15.94 -2.63
CA SER A 2 6.10 15.86 -3.13
C SER A 2 6.83 14.66 -2.49
N SER A 3 6.09 13.58 -2.32
CA SER A 3 6.63 12.39 -1.67
C SER A 3 6.39 11.14 -2.53
N ALA A 4 7.48 10.44 -2.84
CA ALA A 4 7.40 9.15 -3.51
C ALA A 4 7.57 8.03 -2.51
N ASN A 5 7.28 8.35 -1.26
CA ASN A 5 7.50 7.45 -0.15
C ASN A 5 6.32 6.51 0.03
N ASP A 6 5.18 6.90 -0.50
CA ASP A 6 3.94 6.14 -0.33
C ASP A 6 3.87 4.98 -1.32
N TRP A 7 3.01 4.01 -1.02
CA TRP A 7 2.87 2.84 -1.87
C TRP A 7 1.39 2.56 -2.13
N GLN A 8 1.11 1.73 -3.13
CA GLN A 8 -0.25 1.44 -3.53
C GLN A 8 -0.54 -0.04 -3.40
N CYS A 9 -1.69 -0.36 -2.85
CA CYS A 9 -2.11 -1.73 -2.65
C CYS A 9 -2.54 -2.35 -3.97
N LYS A 10 -2.39 -3.65 -4.08
CA LYS A 10 -2.63 -4.33 -5.34
C LYS A 10 -4.00 -4.99 -5.37
N THR A 11 -4.67 -4.99 -4.22
CA THR A 11 -5.99 -5.58 -4.12
C THR A 11 -7.08 -4.54 -4.43
N CYS A 12 -7.11 -3.46 -3.65
CA CYS A 12 -8.12 -2.43 -3.82
C CYS A 12 -7.66 -1.37 -4.83
N SER A 13 -6.36 -1.44 -5.15
CA SER A 13 -5.74 -0.49 -6.07
C SER A 13 -5.77 0.92 -5.49
N ASN A 14 -5.92 1.00 -4.18
CA ASN A 14 -5.86 2.28 -3.50
C ASN A 14 -4.48 2.47 -2.86
N VAL A 15 -3.95 3.67 -2.97
CA VAL A 15 -2.68 3.98 -2.33
C VAL A 15 -2.93 4.24 -0.85
N ASN A 16 -2.27 3.46 -0.01
CA ASN A 16 -2.51 3.50 1.43
C ASN A 16 -1.76 4.68 2.05
N TRP A 17 -1.30 4.51 3.27
CA TRP A 17 -0.49 5.53 3.89
C TRP A 17 0.91 5.48 3.32
N ALA A 18 1.66 6.55 3.51
CA ALA A 18 2.99 6.66 2.93
C ALA A 18 3.94 5.57 3.44
N ARG A 19 3.50 4.77 4.40
CA ARG A 19 4.37 3.76 4.97
C ARG A 19 3.58 2.69 5.71
N ARG A 20 2.41 2.34 5.21
CA ARG A 20 1.62 1.28 5.82
C ARG A 20 2.32 -0.07 5.63
N SER A 21 2.38 -0.88 6.67
CA SER A 21 2.98 -2.20 6.57
C SER A 21 2.03 -3.18 5.89
N GLU A 22 0.76 -2.79 5.85
CA GLU A 22 -0.29 -3.57 5.23
C GLU A 22 -1.43 -2.63 4.82
N CYS A 23 -2.26 -3.05 3.88
CA CYS A 23 -3.41 -2.24 3.49
C CYS A 23 -4.33 -2.00 4.68
N ASN A 24 -4.92 -0.83 4.73
CA ASN A 24 -5.90 -0.51 5.76
C ASN A 24 -7.23 -1.20 5.41
N MET A 25 -7.41 -1.48 4.14
CA MET A 25 -8.68 -2.00 3.65
C MET A 25 -8.62 -3.51 3.45
N CYS A 26 -7.62 -3.97 2.70
CA CYS A 26 -7.48 -5.39 2.40
C CYS A 26 -6.59 -6.07 3.44
N ASN A 27 -5.73 -5.28 4.07
CA ASN A 27 -4.73 -5.79 5.01
C ASN A 27 -3.67 -6.60 4.29
N THR A 28 -3.44 -6.25 3.02
CA THR A 28 -2.37 -6.84 2.24
C THR A 28 -1.01 -6.36 2.75
N PRO A 29 -0.17 -7.26 3.27
CA PRO A 29 1.19 -6.91 3.68
C PRO A 29 1.96 -6.30 2.52
N LYS A 30 2.60 -5.15 2.79
CA LYS A 30 3.23 -4.28 1.78
C LYS A 30 3.51 -4.98 0.46
N TYR A 31 4.40 -5.97 0.47
CA TYR A 31 4.67 -6.74 -0.73
C TYR A 31 4.88 -8.21 -0.40
N ALA A 32 3.84 -8.81 0.16
CA ALA A 32 3.84 -10.23 0.48
C ALA A 32 3.57 -11.07 -0.76
N LYS A 33 4.60 -11.27 -1.56
CA LYS A 33 4.47 -12.05 -2.78
C LYS A 33 4.53 -13.53 -2.46
ZN ZN B . -6.07 -2.68 -0.40
N GLY A 1 3.05 11.87 -11.56
CA GLY A 1 4.36 11.22 -11.32
C GLY A 1 4.22 9.87 -10.66
N SER A 2 5.20 9.49 -9.86
CA SER A 2 5.18 8.21 -9.18
C SER A 2 5.13 8.41 -7.66
N SER A 3 4.90 7.33 -6.94
CA SER A 3 4.88 7.37 -5.49
C SER A 3 6.31 7.33 -4.93
N ALA A 4 6.76 8.44 -4.37
CA ALA A 4 8.14 8.57 -3.92
C ALA A 4 8.34 7.97 -2.53
N ASN A 5 7.59 8.49 -1.56
CA ASN A 5 7.70 8.01 -0.19
C ASN A 5 6.46 7.21 0.18
N ASP A 6 5.57 7.07 -0.78
CA ASP A 6 4.29 6.38 -0.58
C ASP A 6 4.22 5.16 -1.48
N TRP A 7 3.21 4.33 -1.26
CA TRP A 7 2.98 3.18 -2.11
C TRP A 7 1.49 2.97 -2.30
N GLN A 8 1.13 2.06 -3.20
CA GLN A 8 -0.24 1.76 -3.49
C GLN A 8 -0.48 0.27 -3.43
N CYS A 9 -1.54 -0.13 -2.77
CA CYS A 9 -1.86 -1.53 -2.60
C CYS A 9 -2.29 -2.14 -3.92
N LYS A 10 -2.05 -3.42 -4.06
CA LYS A 10 -2.24 -4.09 -5.33
C LYS A 10 -3.56 -4.85 -5.34
N THR A 11 -4.24 -4.86 -4.22
CA THR A 11 -5.46 -5.61 -4.08
C THR A 11 -6.69 -4.71 -4.27
N CYS A 12 -6.69 -3.55 -3.63
CA CYS A 12 -7.79 -2.62 -3.77
C CYS A 12 -7.43 -1.53 -4.77
N SER A 13 -6.15 -1.49 -5.12
CA SER A 13 -5.60 -0.48 -6.03
C SER A 13 -5.73 0.91 -5.40
N ASN A 14 -5.93 0.95 -4.10
CA ASN A 14 -5.99 2.19 -3.35
C ASN A 14 -4.67 2.43 -2.64
N VAL A 15 -4.23 3.67 -2.63
CA VAL A 15 -3.00 4.04 -1.94
C VAL A 15 -3.27 4.26 -0.45
N ASN A 16 -2.52 3.55 0.37
CA ASN A 16 -2.72 3.56 1.81
C ASN A 16 -1.90 4.69 2.46
N TRP A 17 -1.30 4.40 3.61
CA TRP A 17 -0.36 5.33 4.20
C TRP A 17 0.91 5.27 3.39
N ALA A 18 1.63 6.37 3.35
CA ALA A 18 2.89 6.45 2.60
C ALA A 18 3.79 5.25 2.87
N ARG A 19 3.68 4.71 4.08
CA ARG A 19 4.55 3.62 4.48
C ARG A 19 3.79 2.56 5.26
N ARG A 20 2.51 2.40 4.97
CA ARG A 20 1.71 1.38 5.64
C ARG A 20 2.32 0.00 5.41
N SER A 21 2.58 -0.72 6.49
CA SER A 21 3.20 -2.04 6.39
C SER A 21 2.18 -3.07 5.87
N GLU A 22 0.91 -2.70 5.97
CA GLU A 22 -0.18 -3.53 5.52
C GLU A 22 -1.35 -2.65 5.10
N CYS A 23 -2.16 -3.11 4.15
CA CYS A 23 -3.30 -2.34 3.66
C CYS A 23 -4.36 -2.19 4.75
N ASN A 24 -5.09 -1.08 4.68
CA ASN A 24 -6.19 -0.83 5.60
C ASN A 24 -7.50 -1.38 5.02
N MET A 25 -7.54 -1.50 3.70
CA MET A 25 -8.74 -1.96 3.01
C MET A 25 -8.73 -3.47 2.86
N CYS A 26 -7.57 -4.01 2.50
CA CYS A 26 -7.44 -5.44 2.28
C CYS A 26 -6.80 -6.13 3.48
N ASN A 27 -6.03 -5.37 4.25
CA ASN A 27 -5.28 -5.91 5.38
C ASN A 27 -4.17 -6.85 4.89
N THR A 28 -3.76 -6.64 3.64
CA THR A 28 -2.66 -7.40 3.08
C THR A 28 -1.35 -6.68 3.34
N PRO A 29 -0.28 -7.41 3.70
CA PRO A 29 1.04 -6.80 3.85
C PRO A 29 1.52 -6.21 2.54
N LYS A 30 2.42 -5.22 2.64
CA LYS A 30 2.90 -4.44 1.49
C LYS A 30 2.99 -5.25 0.21
N TYR A 31 3.95 -6.15 0.14
CA TYR A 31 4.13 -6.97 -1.06
C TYR A 31 4.50 -8.40 -0.68
N ALA A 32 3.51 -9.27 -0.72
CA ALA A 32 3.73 -10.68 -0.42
C ALA A 32 3.71 -11.49 -1.71
N LYS A 33 4.77 -11.35 -2.49
CA LYS A 33 4.89 -12.07 -3.75
C LYS A 33 6.36 -12.31 -4.05
ZN ZN B . -5.72 -2.84 -0.40
N GLY A 1 6.17 10.53 -11.37
CA GLY A 1 5.23 10.91 -10.29
C GLY A 1 5.94 11.18 -8.98
N SER A 2 5.36 12.06 -8.17
CA SER A 2 5.98 12.43 -6.90
C SER A 2 5.62 11.43 -5.81
N SER A 3 5.10 10.28 -6.19
CA SER A 3 4.75 9.23 -5.25
C SER A 3 5.99 8.42 -4.86
N ALA A 4 6.90 9.08 -4.16
CA ALA A 4 8.10 8.42 -3.67
C ALA A 4 7.94 8.07 -2.20
N ASN A 5 6.72 8.25 -1.71
CA ASN A 5 6.41 8.02 -0.32
C ASN A 5 5.38 6.90 -0.16
N ASP A 6 4.10 7.24 -0.24
CA ASP A 6 3.04 6.25 -0.05
C ASP A 6 3.01 5.26 -1.20
N TRP A 7 2.68 4.03 -0.89
CA TRP A 7 2.60 2.97 -1.88
C TRP A 7 1.15 2.66 -2.21
N GLN A 8 0.95 1.86 -3.25
CA GLN A 8 -0.38 1.55 -3.72
C GLN A 8 -0.61 0.05 -3.61
N CYS A 9 -1.78 -0.30 -3.11
CA CYS A 9 -2.16 -1.68 -2.89
C CYS A 9 -2.22 -2.44 -4.20
N LYS A 10 -1.99 -3.73 -4.10
CA LYS A 10 -2.02 -4.60 -5.25
C LYS A 10 -3.35 -5.33 -5.32
N THR A 11 -4.23 -5.00 -4.38
CA THR A 11 -5.51 -5.68 -4.28
C THR A 11 -6.68 -4.73 -4.53
N CYS A 12 -6.76 -3.64 -3.76
CA CYS A 12 -7.85 -2.70 -3.92
C CYS A 12 -7.44 -1.55 -4.82
N SER A 13 -6.14 -1.49 -5.11
CA SER A 13 -5.55 -0.46 -5.95
C SER A 13 -5.65 0.91 -5.28
N ASN A 14 -5.82 0.93 -3.96
CA ASN A 14 -5.83 2.18 -3.23
C ASN A 14 -4.44 2.42 -2.63
N VAL A 15 -3.98 3.65 -2.72
CA VAL A 15 -2.69 4.01 -2.15
C VAL A 15 -2.85 4.26 -0.66
N ASN A 16 -2.03 3.58 0.13
CA ASN A 16 -2.18 3.57 1.58
C ASN A 16 -1.44 4.74 2.22
N TRP A 17 -0.59 4.46 3.21
CA TRP A 17 0.15 5.49 3.90
C TRP A 17 1.54 5.55 3.32
N ALA A 18 2.29 6.58 3.70
CA ALA A 18 3.67 6.75 3.25
C ALA A 18 4.51 5.50 3.48
N ARG A 19 4.06 4.65 4.41
CA ARG A 19 4.78 3.43 4.73
C ARG A 19 3.92 2.47 5.54
N ARG A 20 2.68 2.27 5.13
CA ARG A 20 1.81 1.30 5.79
C ARG A 20 2.42 -0.09 5.64
N SER A 21 2.45 -0.85 6.72
CA SER A 21 3.01 -2.20 6.69
C SER A 21 2.08 -3.14 5.93
N GLU A 22 0.80 -2.82 5.95
CA GLU A 22 -0.21 -3.58 5.23
C GLU A 22 -1.36 -2.66 4.86
N CYS A 23 -2.19 -3.07 3.90
CA CYS A 23 -3.31 -2.26 3.44
C CYS A 23 -4.28 -1.96 4.58
N ASN A 24 -4.96 -0.83 4.50
CA ASN A 24 -5.98 -0.49 5.48
C ASN A 24 -7.34 -1.04 5.06
N MET A 25 -7.45 -1.38 3.78
CA MET A 25 -8.71 -1.89 3.25
C MET A 25 -8.67 -3.41 3.17
N CYS A 26 -7.63 -3.94 2.55
CA CYS A 26 -7.48 -5.38 2.40
C CYS A 26 -6.74 -5.98 3.58
N ASN A 27 -5.93 -5.14 4.23
CA ASN A 27 -5.03 -5.57 5.29
C ASN A 27 -4.02 -6.57 4.72
N THR A 28 -3.78 -6.46 3.43
CA THR A 28 -2.80 -7.26 2.74
C THR A 28 -1.41 -6.65 2.93
N PRO A 29 -0.43 -7.47 3.33
CA PRO A 29 0.94 -7.00 3.57
C PRO A 29 1.53 -6.24 2.38
N LYS A 30 2.31 -5.21 2.70
CA LYS A 30 2.87 -4.26 1.73
C LYS A 30 3.29 -4.92 0.41
N TYR A 31 4.07 -5.98 0.49
CA TYR A 31 4.54 -6.64 -0.71
C TYR A 31 4.38 -8.15 -0.61
N ALA A 32 3.17 -8.59 -0.26
CA ALA A 32 2.84 -10.00 -0.26
C ALA A 32 2.58 -10.47 -1.68
N LYS A 33 3.65 -10.76 -2.41
CA LYS A 33 3.54 -11.14 -3.81
C LYS A 33 3.13 -12.59 -3.94
ZN ZN B . -5.93 -2.85 -0.45
N GLY A 1 -1.19 13.25 0.52
CA GLY A 1 -1.57 12.72 -0.81
C GLY A 1 -0.72 11.54 -1.22
N SER A 2 -0.95 11.03 -2.41
CA SER A 2 -0.18 9.91 -2.93
C SER A 2 1.16 10.38 -3.49
N SER A 3 2.14 10.54 -2.62
CA SER A 3 3.47 10.97 -3.01
C SER A 3 4.32 9.78 -3.46
N ALA A 4 5.57 10.04 -3.83
CA ALA A 4 6.48 8.99 -4.27
C ALA A 4 6.93 8.12 -3.11
N ASN A 5 6.64 8.57 -1.89
CA ASN A 5 6.99 7.81 -0.69
C ASN A 5 5.97 6.70 -0.45
N ASP A 6 4.70 7.04 -0.62
CA ASP A 6 3.60 6.10 -0.41
C ASP A 6 3.66 4.96 -1.42
N TRP A 7 2.82 3.96 -1.21
CA TRP A 7 2.75 2.83 -2.12
C TRP A 7 1.29 2.56 -2.52
N GLN A 8 1.10 1.59 -3.40
CA GLN A 8 -0.20 1.33 -3.97
C GLN A 8 -0.57 -0.13 -3.75
N CYS A 9 -1.80 -0.37 -3.35
CA CYS A 9 -2.27 -1.69 -3.09
C CYS A 9 -2.40 -2.48 -4.37
N LYS A 10 -2.20 -3.77 -4.25
CA LYS A 10 -2.34 -4.64 -5.40
C LYS A 10 -3.70 -5.32 -5.34
N THR A 11 -4.39 -5.08 -4.24
CA THR A 11 -5.74 -5.59 -4.04
C THR A 11 -6.75 -4.46 -4.16
N CYS A 12 -6.47 -3.35 -3.49
CA CYS A 12 -7.33 -2.18 -3.51
C CYS A 12 -7.12 -1.37 -4.78
N SER A 13 -5.86 -1.33 -5.22
CA SER A 13 -5.39 -0.40 -6.24
C SER A 13 -5.44 1.02 -5.69
N ASN A 14 -5.52 1.13 -4.36
CA ASN A 14 -5.57 2.43 -3.70
C ASN A 14 -4.19 2.82 -3.22
N VAL A 15 -4.08 4.01 -2.65
CA VAL A 15 -2.85 4.44 -2.05
C VAL A 15 -3.03 4.50 -0.53
N ASN A 16 -2.29 3.66 0.17
CA ASN A 16 -2.36 3.59 1.62
C ASN A 16 -1.54 4.73 2.22
N TRP A 17 -1.07 4.55 3.46
CA TRP A 17 -0.19 5.52 4.07
C TRP A 17 1.20 5.34 3.48
N ALA A 18 1.98 6.40 3.44
CA ALA A 18 3.31 6.43 2.84
C ALA A 18 4.11 5.16 3.11
N ARG A 19 3.90 4.55 4.27
CA ARG A 19 4.70 3.42 4.67
C ARG A 19 3.89 2.38 5.44
N ARG A 20 2.65 2.16 5.03
CA ARG A 20 1.81 1.17 5.68
C ARG A 20 2.47 -0.21 5.63
N SER A 21 2.56 -0.87 6.78
CA SER A 21 3.10 -2.22 6.83
C SER A 21 2.07 -3.18 6.25
N GLU A 22 0.80 -2.87 6.48
CA GLU A 22 -0.30 -3.61 5.90
C GLU A 22 -1.48 -2.66 5.68
N CYS A 23 -2.40 -3.07 4.83
CA CYS A 23 -3.53 -2.24 4.45
C CYS A 23 -4.53 -2.03 5.58
N ASN A 24 -5.42 -1.06 5.38
CA ASN A 24 -6.55 -0.87 6.26
C ASN A 24 -7.82 -1.41 5.60
N MET A 25 -7.69 -1.74 4.32
CA MET A 25 -8.85 -2.16 3.51
C MET A 25 -8.74 -3.63 3.12
N CYS A 26 -7.70 -3.98 2.37
CA CYS A 26 -7.55 -5.36 1.91
C CYS A 26 -6.74 -6.18 2.92
N ASN A 27 -6.02 -5.47 3.80
CA ASN A 27 -5.23 -6.09 4.85
C ASN A 27 -4.01 -6.78 4.28
N THR A 28 -3.64 -6.41 3.06
CA THR A 28 -2.48 -6.97 2.40
C THR A 28 -1.20 -6.39 2.97
N PRO A 29 -0.25 -7.25 3.37
CA PRO A 29 1.09 -6.82 3.76
C PRO A 29 1.79 -6.16 2.59
N LYS A 30 2.42 -5.02 2.90
CA LYS A 30 2.99 -4.10 1.92
C LYS A 30 3.22 -4.70 0.53
N TYR A 31 4.23 -5.54 0.41
CA TYR A 31 4.57 -6.09 -0.90
C TYR A 31 4.65 -7.61 -0.86
N ALA A 32 3.53 -8.23 -1.18
CA ALA A 32 3.48 -9.67 -1.38
C ALA A 32 3.37 -9.95 -2.88
N LYS A 33 3.34 -11.21 -3.26
CA LYS A 33 3.22 -11.57 -4.66
C LYS A 33 1.85 -12.18 -4.94
ZN ZN B . -5.39 -2.53 0.33
#